data_1WTS
# 
_entry.id   1WTS 
# 
_audit_conform.dict_name       mmcif_pdbx.dic 
_audit_conform.dict_version    5.392 
_audit_conform.dict_location   http://mmcif.pdb.org/dictionaries/ascii/mmcif_pdbx.dic 
# 
loop_
_database_2.database_id 
_database_2.database_code 
_database_2.pdbx_database_accession 
_database_2.pdbx_DOI 
PDB   1WTS         pdb_00001wts 10.2210/pdb1wts/pdb 
WWPDB D_1000177232 ?            ?                   
# 
loop_
_pdbx_audit_revision_history.ordinal 
_pdbx_audit_revision_history.data_content_type 
_pdbx_audit_revision_history.major_revision 
_pdbx_audit_revision_history.minor_revision 
_pdbx_audit_revision_history.revision_date 
1 'Structure model' 1 0 1999-01-27 
2 'Structure model' 1 1 2008-03-24 
3 'Structure model' 1 2 2011-07-13 
4 'Structure model' 1 3 2022-03-02 
5 'Structure model' 1 4 2024-05-22 
# 
_pdbx_audit_revision_details.ordinal             1 
_pdbx_audit_revision_details.revision_ordinal    1 
_pdbx_audit_revision_details.data_content_type   'Structure model' 
_pdbx_audit_revision_details.provider            repository 
_pdbx_audit_revision_details.type                'Initial release' 
_pdbx_audit_revision_details.description         ? 
_pdbx_audit_revision_details.details             ? 
# 
loop_
_pdbx_audit_revision_group.ordinal 
_pdbx_audit_revision_group.revision_ordinal 
_pdbx_audit_revision_group.data_content_type 
_pdbx_audit_revision_group.group 
1 2 'Structure model' 'Version format compliance' 
2 3 'Structure model' 'Version format compliance' 
3 4 'Structure model' 'Database references'       
4 4 'Structure model' 'Derived calculations'      
5 4 'Structure model' 'Experimental preparation'  
6 4 'Structure model' Other                       
7 5 'Structure model' 'Data collection'           
# 
loop_
_pdbx_audit_revision_category.ordinal 
_pdbx_audit_revision_category.revision_ordinal 
_pdbx_audit_revision_category.data_content_type 
_pdbx_audit_revision_category.category 
1 4 'Structure model' database_2                       
2 4 'Structure model' pdbx_database_status             
3 4 'Structure model' pdbx_nmr_exptl_sample_conditions 
4 4 'Structure model' pdbx_struct_assembly             
5 4 'Structure model' pdbx_struct_oper_list            
6 4 'Structure model' struct_conn                      
7 5 'Structure model' chem_comp_atom                   
8 5 'Structure model' chem_comp_bond                   
# 
loop_
_pdbx_audit_revision_item.ordinal 
_pdbx_audit_revision_item.revision_ordinal 
_pdbx_audit_revision_item.data_content_type 
_pdbx_audit_revision_item.item 
1  4 'Structure model' '_database_2.pdbx_DOI'                             
2  4 'Structure model' '_database_2.pdbx_database_accession'              
3  4 'Structure model' '_pdbx_database_status.process_site'               
4  4 'Structure model' '_pdbx_nmr_exptl_sample_conditions.pressure_units' 
5  4 'Structure model' '_struct_conn.pdbx_leaving_atom_flag'              
6  4 'Structure model' '_struct_conn.ptnr1_auth_comp_id'                  
7  4 'Structure model' '_struct_conn.ptnr1_auth_seq_id'                   
8  4 'Structure model' '_struct_conn.ptnr1_label_atom_id'                 
9  4 'Structure model' '_struct_conn.ptnr1_label_comp_id'                 
10 4 'Structure model' '_struct_conn.ptnr1_label_seq_id'                  
11 4 'Structure model' '_struct_conn.ptnr2_auth_comp_id'                  
12 4 'Structure model' '_struct_conn.ptnr2_auth_seq_id'                   
13 4 'Structure model' '_struct_conn.ptnr2_label_atom_id'                 
14 4 'Structure model' '_struct_conn.ptnr2_label_comp_id'                 
15 4 'Structure model' '_struct_conn.ptnr2_label_seq_id'                  
# 
_pdbx_database_status.status_code                     REL 
_pdbx_database_status.entry_id                        1WTS 
_pdbx_database_status.recvd_initial_deposition_date   1998-06-26 
_pdbx_database_status.deposit_site                    ? 
_pdbx_database_status.process_site                    BNL 
_pdbx_database_status.SG_entry                        . 
_pdbx_database_status.pdb_format_compatible           Y 
_pdbx_database_status.status_code_mr                  ? 
_pdbx_database_status.status_code_sf                  ? 
_pdbx_database_status.status_code_cs                  ? 
_pdbx_database_status.status_code_nmr_data            ? 
_pdbx_database_status.methods_development_category    ? 
# 
_pdbx_database_related.db_name        PDB 
_pdbx_database_related.db_id          1WTT 
_pdbx_database_related.details        'ENSEMBLE OF 11 STRUCTURES' 
_pdbx_database_related.content_type   ensemble 
# 
loop_
_audit_author.name 
_audit_author.pdbx_ordinal 
'Rife, J.P.'  1 
'Moore, P.B.' 2 
# 
_citation.id                        primary 
_citation.title                     'The structure of a methylated tetraloop in 16S ribosomal RNA.' 
_citation.journal_abbrev            Structure 
_citation.journal_volume            6 
_citation.page_first                747 
_citation.page_last                 756 
_citation.year                      1998 
_citation.journal_id_ASTM           STRUE6 
_citation.country                   UK 
_citation.journal_id_ISSN           0969-2126 
_citation.journal_id_CSD            2005 
_citation.book_publisher            ? 
_citation.pdbx_database_id_PubMed   9655826 
_citation.pdbx_database_id_DOI      '10.1016/S0969-2126(98)00076-8' 
# 
loop_
_citation_author.citation_id 
_citation_author.name 
_citation_author.ordinal 
_citation_author.identifier_ORCID 
primary 'Rife, J.P.'  1 ? 
primary 'Moore, P.B.' 2 ? 
# 
_entity.id                         1 
_entity.type                       polymer 
_entity.src_method                 syn 
_entity.pdbx_description           
;RNA (5'-R(*GP*GP*AP*CP*CP*2MGP*GP*MA6P*MA6P*GP*GP*UP*CP*C)-3')
;
_entity.formula_weight             4610.919 
_entity.pdbx_number_of_molecules   1 
_entity.pdbx_ec                    ? 
_entity.pdbx_mutation              ? 
_entity.pdbx_fragment              'HELIX 45 STEM-LOOP' 
_entity.details                    
'WITHIN THE TETRALOOP ARE THREE METHYLATED NUCLEOTIDES, N(2)-METHYLGUANOSINE AND TWO N(6),N(6)-DIMETHYLADENOSINES' 
# 
_entity_poly.entity_id                      1 
_entity_poly.type                           polyribonucleotide 
_entity_poly.nstd_linkage                   no 
_entity_poly.nstd_monomer                   yes 
_entity_poly.pdbx_seq_one_letter_code       'GGACC(2MG)G(MA6)(MA6)GGUCC' 
_entity_poly.pdbx_seq_one_letter_code_can   GGACCGGAAGGUCC 
_entity_poly.pdbx_strand_id                 A 
_entity_poly.pdbx_target_identifier         ? 
# 
loop_
_entity_poly_seq.entity_id 
_entity_poly_seq.num 
_entity_poly_seq.mon_id 
_entity_poly_seq.hetero 
1 1  G   n 
1 2  G   n 
1 3  A   n 
1 4  C   n 
1 5  C   n 
1 6  2MG n 
1 7  G   n 
1 8  MA6 n 
1 9  MA6 n 
1 10 G   n 
1 11 G   n 
1 12 U   n 
1 13 C   n 
1 14 C   n 
# 
_pdbx_entity_src_syn.entity_id              1 
_pdbx_entity_src_syn.pdbx_src_id            1 
_pdbx_entity_src_syn.pdbx_alt_source_flag   sample 
_pdbx_entity_src_syn.pdbx_beg_seq_num       ? 
_pdbx_entity_src_syn.pdbx_end_seq_num       ? 
_pdbx_entity_src_syn.organism_scientific    ? 
_pdbx_entity_src_syn.organism_common_name   ? 
_pdbx_entity_src_syn.ncbi_taxonomy_id       ? 
_pdbx_entity_src_syn.details                'NUCLEOTIDES 3-12 CORRESPOND TO NATIVE SEQUENCE' 
# 
loop_
_chem_comp.id 
_chem_comp.type 
_chem_comp.mon_nstd_flag 
_chem_comp.name 
_chem_comp.pdbx_synonyms 
_chem_comp.formula 
_chem_comp.formula_weight 
2MG 'RNA linking' n "2N-METHYLGUANOSINE-5'-MONOPHOSPHATE"  ? 'C11 H16 N5 O8 P' 377.247 
A   'RNA linking' y "ADENOSINE-5'-MONOPHOSPHATE"           ? 'C10 H14 N5 O7 P' 347.221 
C   'RNA linking' y "CYTIDINE-5'-MONOPHOSPHATE"            ? 'C9 H14 N3 O8 P'  323.197 
G   'RNA linking' y "GUANOSINE-5'-MONOPHOSPHATE"           ? 'C10 H14 N5 O8 P' 363.221 
MA6 'RNA linking' n "6N-DIMETHYLADENOSINE-5'-MONOPHOSHATE" ? 'C12 H18 N5 O7 P' 375.274 
U   'RNA linking' y "URIDINE-5'-MONOPHOSPHATE"             ? 'C9 H13 N2 O9 P'  324.181 
# 
loop_
_pdbx_poly_seq_scheme.asym_id 
_pdbx_poly_seq_scheme.entity_id 
_pdbx_poly_seq_scheme.seq_id 
_pdbx_poly_seq_scheme.mon_id 
_pdbx_poly_seq_scheme.ndb_seq_num 
_pdbx_poly_seq_scheme.pdb_seq_num 
_pdbx_poly_seq_scheme.auth_seq_num 
_pdbx_poly_seq_scheme.pdb_mon_id 
_pdbx_poly_seq_scheme.auth_mon_id 
_pdbx_poly_seq_scheme.pdb_strand_id 
_pdbx_poly_seq_scheme.pdb_ins_code 
_pdbx_poly_seq_scheme.hetero 
A 1 1  G   1  1  1  G   G   A . n 
A 1 2  G   2  2  2  G   G   A . n 
A 1 3  A   3  3  3  A   A   A . n 
A 1 4  C   4  4  4  C   C   A . n 
A 1 5  C   5  5  5  C   C   A . n 
A 1 6  2MG 6  6  6  2MG 2MG A . n 
A 1 7  G   7  7  7  G   G   A . n 
A 1 8  MA6 8  8  8  MA6 MA6 A . n 
A 1 9  MA6 9  9  9  MA6 MA6 A . n 
A 1 10 G   10 10 10 G   G   A . n 
A 1 11 G   11 11 11 G   G   A . n 
A 1 12 U   12 12 12 U   U   A . n 
A 1 13 C   13 13 13 C   C   A . n 
A 1 14 C   14 14 14 C   C   A . n 
# 
loop_
_software.name 
_software.classification 
_software.version 
_software.citation_id 
_software.pdbx_ordinal 
X-PLOR 'model building' . ? 1 
X-PLOR refinement       . ? 2 
X-PLOR phasing          . ? 3 
# 
_cell.entry_id           1WTS 
_cell.length_a           1.000 
_cell.length_b           1.000 
_cell.length_c           1.000 
_cell.angle_alpha        90.00 
_cell.angle_beta         90.00 
_cell.angle_gamma        90.00 
_cell.Z_PDB              1 
_cell.pdbx_unique_axis   ? 
# 
_symmetry.entry_id                         1WTS 
_symmetry.space_group_name_H-M             'P 1' 
_symmetry.pdbx_full_space_group_name_H-M   ? 
_symmetry.cell_setting                     ? 
_symmetry.Int_Tables_number                1 
# 
_exptl.entry_id          1WTS 
_exptl.method            'SOLUTION NMR' 
_exptl.crystals_number   ? 
# 
_struct.entry_id                  1WTS 
_struct.title                     'HELIX 45 (16S RRNA) FROM B. STEAROTHERMOPHILUS, NMR, MINIMIZED AVERAGE STRUCTURE' 
_struct.pdbx_model_details        ? 
_struct.pdbx_CASP_flag            ? 
_struct.pdbx_model_type_details   ? 
# 
_struct_keywords.entry_id        1WTS 
_struct_keywords.pdbx_keywords   RNA 
_struct_keywords.text            'RIBONUCLEIC ACID, RIBOSOME, RNA, 16S, MODIFIED NUCLEOTIDES, TETRALOOP' 
# 
_struct_asym.id                            A 
_struct_asym.pdbx_blank_PDB_chainid_flag   N 
_struct_asym.pdbx_modified                 N 
_struct_asym.entity_id                     1 
_struct_asym.details                       ? 
# 
_struct_ref.id                         1 
_struct_ref.entity_id                  1 
_struct_ref.db_name                    PDB 
_struct_ref.db_code                    1WTS 
_struct_ref.pdbx_db_accession          1WTS 
_struct_ref.pdbx_db_isoform            ? 
_struct_ref.pdbx_seq_one_letter_code   ? 
_struct_ref.pdbx_align_begin           ? 
# 
_struct_ref_seq.align_id                      1 
_struct_ref_seq.ref_id                        1 
_struct_ref_seq.pdbx_PDB_id_code              1WTS 
_struct_ref_seq.pdbx_strand_id                A 
_struct_ref_seq.seq_align_beg                 1 
_struct_ref_seq.pdbx_seq_align_beg_ins_code   ? 
_struct_ref_seq.seq_align_end                 14 
_struct_ref_seq.pdbx_seq_align_end_ins_code   ? 
_struct_ref_seq.pdbx_db_accession             1WTS 
_struct_ref_seq.db_align_beg                  1 
_struct_ref_seq.pdbx_db_align_beg_ins_code    ? 
_struct_ref_seq.db_align_end                  14 
_struct_ref_seq.pdbx_db_align_end_ins_code    ? 
_struct_ref_seq.pdbx_auth_seq_align_beg       1 
_struct_ref_seq.pdbx_auth_seq_align_end       14 
# 
_pdbx_struct_assembly.id                   1 
_pdbx_struct_assembly.details              author_defined_assembly 
_pdbx_struct_assembly.method_details       ? 
_pdbx_struct_assembly.oligomeric_details   monomeric 
_pdbx_struct_assembly.oligomeric_count     1 
# 
_pdbx_struct_assembly_gen.assembly_id       1 
_pdbx_struct_assembly_gen.oper_expression   1 
_pdbx_struct_assembly_gen.asym_id_list      A 
# 
_pdbx_struct_oper_list.id                   1 
_pdbx_struct_oper_list.type                 'identity operation' 
_pdbx_struct_oper_list.name                 1_555 
_pdbx_struct_oper_list.symmetry_operation   x,y,z 
_pdbx_struct_oper_list.matrix[1][1]         1.0000000000 
_pdbx_struct_oper_list.matrix[1][2]         0.0000000000 
_pdbx_struct_oper_list.matrix[1][3]         0.0000000000 
_pdbx_struct_oper_list.vector[1]            0.0000000000 
_pdbx_struct_oper_list.matrix[2][1]         0.0000000000 
_pdbx_struct_oper_list.matrix[2][2]         1.0000000000 
_pdbx_struct_oper_list.matrix[2][3]         0.0000000000 
_pdbx_struct_oper_list.vector[2]            0.0000000000 
_pdbx_struct_oper_list.matrix[3][1]         0.0000000000 
_pdbx_struct_oper_list.matrix[3][2]         0.0000000000 
_pdbx_struct_oper_list.matrix[3][3]         1.0000000000 
_pdbx_struct_oper_list.vector[3]            0.0000000000 
# 
_struct_biol.id   1 
# 
loop_
_struct_conn.id 
_struct_conn.conn_type_id 
_struct_conn.pdbx_leaving_atom_flag 
_struct_conn.pdbx_PDB_id 
_struct_conn.ptnr1_label_asym_id 
_struct_conn.ptnr1_label_comp_id 
_struct_conn.ptnr1_label_seq_id 
_struct_conn.ptnr1_label_atom_id 
_struct_conn.pdbx_ptnr1_label_alt_id 
_struct_conn.pdbx_ptnr1_PDB_ins_code 
_struct_conn.pdbx_ptnr1_standard_comp_id 
_struct_conn.ptnr1_symmetry 
_struct_conn.ptnr2_label_asym_id 
_struct_conn.ptnr2_label_comp_id 
_struct_conn.ptnr2_label_seq_id 
_struct_conn.ptnr2_label_atom_id 
_struct_conn.pdbx_ptnr2_label_alt_id 
_struct_conn.pdbx_ptnr2_PDB_ins_code 
_struct_conn.ptnr1_auth_asym_id 
_struct_conn.ptnr1_auth_comp_id 
_struct_conn.ptnr1_auth_seq_id 
_struct_conn.ptnr2_auth_asym_id 
_struct_conn.ptnr2_auth_comp_id 
_struct_conn.ptnr2_auth_seq_id 
_struct_conn.ptnr2_symmetry 
_struct_conn.pdbx_ptnr3_label_atom_id 
_struct_conn.pdbx_ptnr3_label_seq_id 
_struct_conn.pdbx_ptnr3_label_comp_id 
_struct_conn.pdbx_ptnr3_label_asym_id 
_struct_conn.pdbx_ptnr3_label_alt_id 
_struct_conn.pdbx_ptnr3_PDB_ins_code 
_struct_conn.details 
_struct_conn.pdbx_dist_value 
_struct_conn.pdbx_value_order 
_struct_conn.pdbx_role 
covale1  covale both ? A C   5 "O3'" ? ? ? 1_555 A 2MG 6  P  ? ? A C   5 A 2MG 6  1_555 ? ? ? ? ? ? ?                 1.615 ? ? 
covale2  covale both ? A 2MG 6 "O3'" ? ? ? 1_555 A G   7  P  ? ? A 2MG 6 A G   7  1_555 ? ? ? ? ? ? ?                 1.613 ? ? 
covale3  covale both ? A G   7 "O3'" ? ? ? 1_555 A MA6 8  P  ? ? A G   7 A MA6 8  1_555 ? ? ? ? ? ? ?                 1.620 ? ? 
covale4  covale both ? A MA6 8 "O3'" ? ? ? 1_555 A MA6 9  P  ? ? A MA6 8 A MA6 9  1_555 ? ? ? ? ? ? ?                 1.612 ? ? 
covale5  covale both ? A MA6 9 "O3'" ? ? ? 1_555 A G   10 P  ? ? A MA6 9 A G   10 1_555 ? ? ? ? ? ? ?                 1.611 ? ? 
hydrog1  hydrog ?    ? A G   1 N1    ? ? ? 1_555 A C   14 N3 ? ? A G   1 A C   14 1_555 ? ? ? ? ? ? WATSON-CRICK      ?     ? ? 
hydrog2  hydrog ?    ? A G   1 N2    ? ? ? 1_555 A C   14 O2 ? ? A G   1 A C   14 1_555 ? ? ? ? ? ? WATSON-CRICK      ?     ? ? 
hydrog3  hydrog ?    ? A G   1 O6    ? ? ? 1_555 A C   14 N4 ? ? A G   1 A C   14 1_555 ? ? ? ? ? ? WATSON-CRICK      ?     ? ? 
hydrog4  hydrog ?    ? A G   2 N1    ? ? ? 1_555 A C   13 N3 ? ? A G   2 A C   13 1_555 ? ? ? ? ? ? WATSON-CRICK      ?     ? ? 
hydrog5  hydrog ?    ? A G   2 N2    ? ? ? 1_555 A C   13 O2 ? ? A G   2 A C   13 1_555 ? ? ? ? ? ? WATSON-CRICK      ?     ? ? 
hydrog6  hydrog ?    ? A G   2 O6    ? ? ? 1_555 A C   13 N4 ? ? A G   2 A C   13 1_555 ? ? ? ? ? ? WATSON-CRICK      ?     ? ? 
hydrog7  hydrog ?    ? A A   3 N1    ? ? ? 1_555 A U   12 N3 ? ? A A   3 A U   12 1_555 ? ? ? ? ? ? WATSON-CRICK      ?     ? ? 
hydrog8  hydrog ?    ? A A   3 N6    ? ? ? 1_555 A U   12 O4 ? ? A A   3 A U   12 1_555 ? ? ? ? ? ? WATSON-CRICK      ?     ? ? 
hydrog9  hydrog ?    ? A C   4 N3    ? ? ? 1_555 A G   11 N1 ? ? A C   4 A G   11 1_555 ? ? ? ? ? ? WATSON-CRICK      ?     ? ? 
hydrog10 hydrog ?    ? A C   4 N4    ? ? ? 1_555 A G   11 O6 ? ? A C   4 A G   11 1_555 ? ? ? ? ? ? WATSON-CRICK      ?     ? ? 
hydrog11 hydrog ?    ? A C   4 O2    ? ? ? 1_555 A G   11 N2 ? ? A C   4 A G   11 1_555 ? ? ? ? ? ? WATSON-CRICK      ?     ? ? 
hydrog12 hydrog ?    ? A C   5 N3    ? ? ? 1_555 A G   10 N1 ? ? A C   5 A G   10 1_555 ? ? ? ? ? ? WATSON-CRICK      ?     ? ? 
hydrog13 hydrog ?    ? A C   5 N4    ? ? ? 1_555 A G   10 O6 ? ? A C   5 A G   10 1_555 ? ? ? ? ? ? WATSON-CRICK      ?     ? ? 
hydrog14 hydrog ?    ? A C   5 O2    ? ? ? 1_555 A G   10 N2 ? ? A C   5 A G   10 1_555 ? ? ? ? ? ? WATSON-CRICK      ?     ? ? 
hydrog15 hydrog ?    ? A 2MG 6 N2    ? ? ? 1_555 A MA6 9  N7 ? ? A 2MG 6 A MA6 9  1_555 ? ? ? ? ? ? '2MG-MA6 MISPAIR' ?     ? ? 
# 
loop_
_struct_conn_type.id 
_struct_conn_type.criteria 
_struct_conn_type.reference 
covale ? ? 
hydrog ? ? 
# 
_pdbx_validate_close_contact.id               1 
_pdbx_validate_close_contact.PDB_model_num    1 
_pdbx_validate_close_contact.auth_atom_id_1   "HO2'" 
_pdbx_validate_close_contact.auth_asym_id_1   A 
_pdbx_validate_close_contact.auth_comp_id_1   G 
_pdbx_validate_close_contact.auth_seq_id_1    1 
_pdbx_validate_close_contact.PDB_ins_code_1   ? 
_pdbx_validate_close_contact.label_alt_id_1   ? 
_pdbx_validate_close_contact.auth_atom_id_2   "O4'" 
_pdbx_validate_close_contact.auth_asym_id_2   A 
_pdbx_validate_close_contact.auth_comp_id_2   G 
_pdbx_validate_close_contact.auth_seq_id_2    2 
_pdbx_validate_close_contact.PDB_ins_code_2   ? 
_pdbx_validate_close_contact.label_alt_id_2   ? 
_pdbx_validate_close_contact.dist             1.57 
# 
loop_
_pdbx_validate_rmsd_angle.id 
_pdbx_validate_rmsd_angle.PDB_model_num 
_pdbx_validate_rmsd_angle.auth_atom_id_1 
_pdbx_validate_rmsd_angle.auth_asym_id_1 
_pdbx_validate_rmsd_angle.auth_comp_id_1 
_pdbx_validate_rmsd_angle.auth_seq_id_1 
_pdbx_validate_rmsd_angle.PDB_ins_code_1 
_pdbx_validate_rmsd_angle.label_alt_id_1 
_pdbx_validate_rmsd_angle.auth_atom_id_2 
_pdbx_validate_rmsd_angle.auth_asym_id_2 
_pdbx_validate_rmsd_angle.auth_comp_id_2 
_pdbx_validate_rmsd_angle.auth_seq_id_2 
_pdbx_validate_rmsd_angle.PDB_ins_code_2 
_pdbx_validate_rmsd_angle.label_alt_id_2 
_pdbx_validate_rmsd_angle.auth_atom_id_3 
_pdbx_validate_rmsd_angle.auth_asym_id_3 
_pdbx_validate_rmsd_angle.auth_comp_id_3 
_pdbx_validate_rmsd_angle.auth_seq_id_3 
_pdbx_validate_rmsd_angle.PDB_ins_code_3 
_pdbx_validate_rmsd_angle.label_alt_id_3 
_pdbx_validate_rmsd_angle.angle_value 
_pdbx_validate_rmsd_angle.angle_target_value 
_pdbx_validate_rmsd_angle.angle_deviation 
_pdbx_validate_rmsd_angle.angle_standard_deviation 
_pdbx_validate_rmsd_angle.linker_flag 
1  1 N1    A G 2  ? ? C2    A G 2  ? ? N3    A G 2  ? ? 127.99 123.90 4.09  0.60 N 
2  1 N3    A G 2  ? ? C2    A G 2  ? ? N2    A G 2  ? ? 113.84 119.90 -6.06 0.70 N 
3  1 "C3'" A A 3  ? ? "C2'" A A 3  ? ? "C1'" A A 3  ? ? 96.78  101.30 -4.52 0.70 N 
4  1 C6    A C 4  ? ? N1    A C 4  ? ? C2    A C 4  ? ? 117.49 120.30 -2.81 0.40 N 
5  1 "O4'" A C 5  ? ? "C1'" A C 5  ? ? N1    A C 5  ? ? 113.52 108.50 5.02  0.70 N 
6  1 C6    A C 5  ? ? N1    A C 5  ? ? C2    A C 5  ? ? 117.82 120.30 -2.48 0.40 N 
7  1 N3    A C 5  ? ? C2    A C 5  ? ? O2    A C 5  ? ? 117.66 121.90 -4.24 0.70 N 
8  1 N3    A C 5  ? ? C4    A C 5  ? ? N4    A C 5  ? ? 113.52 118.00 -4.48 0.70 N 
9  1 N1    A G 7  ? ? C2    A G 7  ? ? N3    A G 7  ? ? 127.62 123.90 3.72  0.60 N 
10 1 N3    A G 7  ? ? C2    A G 7  ? ? N2    A G 7  ? ? 114.31 119.90 -5.59 0.70 N 
11 1 N1    A G 7  ? ? C6    A G 7  ? ? O6    A G 7  ? ? 115.51 119.90 -4.39 0.60 N 
12 1 "C5'" A G 10 ? ? "C4'" A G 10 ? ? "O4'" A G 10 ? ? 115.81 109.80 6.01  0.90 N 
13 1 N3    A G 10 ? ? C2    A G 10 ? ? N2    A G 10 ? ? 114.69 119.90 -5.21 0.70 N 
14 1 N1    A G 10 ? ? C6    A G 10 ? ? O6    A G 10 ? ? 116.26 119.90 -3.64 0.60 N 
15 1 "C3'" A G 11 ? ? "C2'" A G 11 ? ? "C1'" A G 11 ? ? 96.27  101.30 -5.03 0.70 N 
16 1 N1    A G 11 ? ? C2    A G 11 ? ? N3    A G 11 ? ? 127.59 123.90 3.69  0.60 N 
17 1 N1    A G 11 ? ? C6    A G 11 ? ? O6    A G 11 ? ? 116.06 119.90 -3.84 0.60 N 
18 1 N3    A C 13 ? ? C4    A C 13 ? ? C5    A C 13 ? ? 124.71 121.90 2.81  0.40 N 
19 1 "O4'" A C 14 ? ? "C1'" A C 14 ? ? N1    A C 14 ? ? 118.28 108.50 9.78  0.70 N 
20 1 N3    A C 14 ? ? C4    A C 14 ? ? C5    A C 14 ? ? 124.72 121.90 2.82  0.40 N 
# 
loop_
_pdbx_struct_mod_residue.id 
_pdbx_struct_mod_residue.label_asym_id 
_pdbx_struct_mod_residue.label_comp_id 
_pdbx_struct_mod_residue.label_seq_id 
_pdbx_struct_mod_residue.auth_asym_id 
_pdbx_struct_mod_residue.auth_comp_id 
_pdbx_struct_mod_residue.auth_seq_id 
_pdbx_struct_mod_residue.PDB_ins_code 
_pdbx_struct_mod_residue.parent_comp_id 
_pdbx_struct_mod_residue.details 
1 A 2MG 6 A 2MG 6 ? G "2N-METHYLGUANOSINE-5'-MONOPHOSPHATE"  
2 A MA6 8 A MA6 8 ? A "6N-DIMETHYLADENOSINE-5'-MONOPHOSHATE" 
3 A MA6 9 A MA6 9 ? A "6N-DIMETHYLADENOSINE-5'-MONOPHOSHATE" 
# 
_pdbx_nmr_ensemble.entry_id                             1WTS 
_pdbx_nmr_ensemble.conformers_calculated_total_number   1 
_pdbx_nmr_ensemble.conformers_submitted_total_number    1 
_pdbx_nmr_ensemble.conformer_selection_criteria         'NO RESTRAINT VIOLATION' 
# 
_pdbx_nmr_representative.entry_id             1WTS 
_pdbx_nmr_representative.conformer_id         1 
_pdbx_nmr_representative.selection_criteria   ? 
# 
_pdbx_nmr_sample_details.solution_id   1 
_pdbx_nmr_sample_details.contents      WATER 
# 
_pdbx_nmr_exptl_sample_conditions.conditions_id       1 
_pdbx_nmr_exptl_sample_conditions.temperature         303 
_pdbx_nmr_exptl_sample_conditions.pressure            1 
_pdbx_nmr_exptl_sample_conditions.pH                  6.5 
_pdbx_nmr_exptl_sample_conditions.ionic_strength      '50 mM NACL' 
_pdbx_nmr_exptl_sample_conditions.pressure_units      atm 
_pdbx_nmr_exptl_sample_conditions.temperature_units   K 
# 
loop_
_pdbx_nmr_exptl.experiment_id 
_pdbx_nmr_exptl.conditions_id 
_pdbx_nmr_exptl.type 
_pdbx_nmr_exptl.solution_id 
1 1 NOESY                 1 
2 1 COSY                  1 
3 1 '1H-31P HCOSY'        1 
4 1 '1H-31P HTOCSY'       1 
5 1 '1H-31P HTOCSY-NOESY' 1 
6 1 '1H-13C HMQC'         1 
# 
_pdbx_nmr_details.entry_id   1WTS 
_pdbx_nmr_details.text       
;THIS REPRESENTATIVE MODEL WAS DETERMINED WITH A VARIETY OF TWO-DIMENSIONAL HOMONUCLEAR AND HETERONUCLEAR NMR SPECTROSCOPY ON AN UNLABELED MOLECULE.
;
# 
_pdbx_nmr_refine.entry_id           1WTS 
_pdbx_nmr_refine.method             'TORSIONAL ANGLE MOLECULAR DYNAMICS, MOLECULAR DYNAMICS' 
_pdbx_nmr_refine.details            ? 
_pdbx_nmr_refine.software_ordinal   1 
# 
loop_
_pdbx_nmr_software.classification 
_pdbx_nmr_software.name 
_pdbx_nmr_software.version 
_pdbx_nmr_software.authors 
_pdbx_nmr_software.ordinal 
refinement           X-PLOR ? BRUNGER 1 
'structure solution' X-PLOR ? ?       2 
# 
loop_
_chem_comp_atom.comp_id 
_chem_comp_atom.atom_id 
_chem_comp_atom.type_symbol 
_chem_comp_atom.pdbx_aromatic_flag 
_chem_comp_atom.pdbx_stereo_config 
_chem_comp_atom.pdbx_ordinal 
2MG P      P N N 1   
2MG OP1    O N N 2   
2MG OP2    O N N 3   
2MG OP3    O N N 4   
2MG "O5'"  O N N 5   
2MG "C5'"  C N N 6   
2MG "C4'"  C N R 7   
2MG "O4'"  O N N 8   
2MG "C3'"  C N S 9   
2MG "O3'"  O N N 10  
2MG "C2'"  C N R 11  
2MG "O2'"  O N N 12  
2MG "C1'"  C N R 13  
2MG N9     N Y N 14  
2MG C8     C Y N 15  
2MG N7     N Y N 16  
2MG C5     C Y N 17  
2MG C6     C N N 18  
2MG O6     O N N 19  
2MG N1     N N N 20  
2MG C2     C N N 21  
2MG N2     N N N 22  
2MG CM2    C N N 23  
2MG N3     N N N 24  
2MG C4     C Y N 25  
2MG HOP2   H N N 26  
2MG HOP3   H N N 27  
2MG "H5'"  H N N 28  
2MG "H5''" H N N 29  
2MG "H4'"  H N N 30  
2MG "H3'"  H N N 31  
2MG "HO3'" H N N 32  
2MG "H2'"  H N N 33  
2MG "HO2'" H N N 34  
2MG "H1'"  H N N 35  
2MG H8     H N N 36  
2MG HN1    H N N 37  
2MG HN2    H N N 38  
2MG HM21   H N N 39  
2MG HM22   H N N 40  
2MG HM23   H N N 41  
A   OP3    O N N 42  
A   P      P N N 43  
A   OP1    O N N 44  
A   OP2    O N N 45  
A   "O5'"  O N N 46  
A   "C5'"  C N N 47  
A   "C4'"  C N R 48  
A   "O4'"  O N N 49  
A   "C3'"  C N S 50  
A   "O3'"  O N N 51  
A   "C2'"  C N R 52  
A   "O2'"  O N N 53  
A   "C1'"  C N R 54  
A   N9     N Y N 55  
A   C8     C Y N 56  
A   N7     N Y N 57  
A   C5     C Y N 58  
A   C6     C Y N 59  
A   N6     N N N 60  
A   N1     N Y N 61  
A   C2     C Y N 62  
A   N3     N Y N 63  
A   C4     C Y N 64  
A   HOP3   H N N 65  
A   HOP2   H N N 66  
A   "H5'"  H N N 67  
A   "H5''" H N N 68  
A   "H4'"  H N N 69  
A   "H3'"  H N N 70  
A   "HO3'" H N N 71  
A   "H2'"  H N N 72  
A   "HO2'" H N N 73  
A   "H1'"  H N N 74  
A   H8     H N N 75  
A   H61    H N N 76  
A   H62    H N N 77  
A   H2     H N N 78  
C   OP3    O N N 79  
C   P      P N N 80  
C   OP1    O N N 81  
C   OP2    O N N 82  
C   "O5'"  O N N 83  
C   "C5'"  C N N 84  
C   "C4'"  C N R 85  
C   "O4'"  O N N 86  
C   "C3'"  C N S 87  
C   "O3'"  O N N 88  
C   "C2'"  C N R 89  
C   "O2'"  O N N 90  
C   "C1'"  C N R 91  
C   N1     N N N 92  
C   C2     C N N 93  
C   O2     O N N 94  
C   N3     N N N 95  
C   C4     C N N 96  
C   N4     N N N 97  
C   C5     C N N 98  
C   C6     C N N 99  
C   HOP3   H N N 100 
C   HOP2   H N N 101 
C   "H5'"  H N N 102 
C   "H5''" H N N 103 
C   "H4'"  H N N 104 
C   "H3'"  H N N 105 
C   "HO3'" H N N 106 
C   "H2'"  H N N 107 
C   "HO2'" H N N 108 
C   "H1'"  H N N 109 
C   H41    H N N 110 
C   H42    H N N 111 
C   H5     H N N 112 
C   H6     H N N 113 
G   OP3    O N N 114 
G   P      P N N 115 
G   OP1    O N N 116 
G   OP2    O N N 117 
G   "O5'"  O N N 118 
G   "C5'"  C N N 119 
G   "C4'"  C N R 120 
G   "O4'"  O N N 121 
G   "C3'"  C N S 122 
G   "O3'"  O N N 123 
G   "C2'"  C N R 124 
G   "O2'"  O N N 125 
G   "C1'"  C N R 126 
G   N9     N Y N 127 
G   C8     C Y N 128 
G   N7     N Y N 129 
G   C5     C Y N 130 
G   C6     C N N 131 
G   O6     O N N 132 
G   N1     N N N 133 
G   C2     C N N 134 
G   N2     N N N 135 
G   N3     N N N 136 
G   C4     C Y N 137 
G   HOP3   H N N 138 
G   HOP2   H N N 139 
G   "H5'"  H N N 140 
G   "H5''" H N N 141 
G   "H4'"  H N N 142 
G   "H3'"  H N N 143 
G   "HO3'" H N N 144 
G   "H2'"  H N N 145 
G   "HO2'" H N N 146 
G   "H1'"  H N N 147 
G   H8     H N N 148 
G   H1     H N N 149 
G   H21    H N N 150 
G   H22    H N N 151 
MA6 C2     C Y N 152 
MA6 C4     C Y N 153 
MA6 C5     C Y N 154 
MA6 P      P N N 155 
MA6 OP1    O N N 156 
MA6 OP2    O N N 157 
MA6 OP3    O N N 158 
MA6 "O5'"  O N N 159 
MA6 "C5'"  C N N 160 
MA6 "C4'"  C N R 161 
MA6 "O4'"  O N N 162 
MA6 "C1'"  C N R 163 
MA6 N9     N Y N 164 
MA6 N3     N Y N 165 
MA6 N1     N Y N 166 
MA6 C6     C Y N 167 
MA6 N6     N N N 168 
MA6 C9     C N N 169 
MA6 C10    C N N 170 
MA6 N7     N Y N 171 
MA6 C8     C Y N 172 
MA6 "C2'"  C N R 173 
MA6 "O2'"  O N N 174 
MA6 "C3'"  C N S 175 
MA6 "O3'"  O N N 176 
MA6 H2     H N N 177 
MA6 HOP2   H N N 178 
MA6 "H5'"  H N N 179 
MA6 "H5''" H N N 180 
MA6 "H4'"  H N N 181 
MA6 "H1'"  H N N 182 
MA6 H91    H N N 183 
MA6 H92    H N N 184 
MA6 H93    H N N 185 
MA6 H101   H N N 186 
MA6 H102   H N N 187 
MA6 H103   H N N 188 
MA6 H8     H N N 189 
MA6 "H2'"  H N N 190 
MA6 "HO2'" H N N 191 
MA6 "H3'"  H N N 192 
MA6 "HO3'" H N N 193 
MA6 HOP3   H N N 194 
U   OP3    O N N 195 
U   P      P N N 196 
U   OP1    O N N 197 
U   OP2    O N N 198 
U   "O5'"  O N N 199 
U   "C5'"  C N N 200 
U   "C4'"  C N R 201 
U   "O4'"  O N N 202 
U   "C3'"  C N S 203 
U   "O3'"  O N N 204 
U   "C2'"  C N R 205 
U   "O2'"  O N N 206 
U   "C1'"  C N R 207 
U   N1     N N N 208 
U   C2     C N N 209 
U   O2     O N N 210 
U   N3     N N N 211 
U   C4     C N N 212 
U   O4     O N N 213 
U   C5     C N N 214 
U   C6     C N N 215 
U   HOP3   H N N 216 
U   HOP2   H N N 217 
U   "H5'"  H N N 218 
U   "H5''" H N N 219 
U   "H4'"  H N N 220 
U   "H3'"  H N N 221 
U   "HO3'" H N N 222 
U   "H2'"  H N N 223 
U   "HO2'" H N N 224 
U   "H1'"  H N N 225 
U   H3     H N N 226 
U   H5     H N N 227 
U   H6     H N N 228 
# 
loop_
_chem_comp_bond.comp_id 
_chem_comp_bond.atom_id_1 
_chem_comp_bond.atom_id_2 
_chem_comp_bond.value_order 
_chem_comp_bond.pdbx_aromatic_flag 
_chem_comp_bond.pdbx_stereo_config 
_chem_comp_bond.pdbx_ordinal 
2MG P     OP1    doub N N 1   
2MG P     OP2    sing N N 2   
2MG P     OP3    sing N N 3   
2MG P     "O5'"  sing N N 4   
2MG OP2   HOP2   sing N N 5   
2MG OP3   HOP3   sing N N 6   
2MG "O5'" "C5'"  sing N N 7   
2MG "C5'" "C4'"  sing N N 8   
2MG "C5'" "H5'"  sing N N 9   
2MG "C5'" "H5''" sing N N 10  
2MG "C4'" "O4'"  sing N N 11  
2MG "C4'" "C3'"  sing N N 12  
2MG "C4'" "H4'"  sing N N 13  
2MG "O4'" "C1'"  sing N N 14  
2MG "C3'" "O3'"  sing N N 15  
2MG "C3'" "C2'"  sing N N 16  
2MG "C3'" "H3'"  sing N N 17  
2MG "O3'" "HO3'" sing N N 18  
2MG "C2'" "O2'"  sing N N 19  
2MG "C2'" "C1'"  sing N N 20  
2MG "C2'" "H2'"  sing N N 21  
2MG "O2'" "HO2'" sing N N 22  
2MG "C1'" N9     sing N N 23  
2MG "C1'" "H1'"  sing N N 24  
2MG N9    C8     sing Y N 25  
2MG N9    C4     sing Y N 26  
2MG C8    N7     doub Y N 27  
2MG C8    H8     sing N N 28  
2MG N7    C5     sing Y N 29  
2MG C5    C6     sing N N 30  
2MG C5    C4     doub Y N 31  
2MG C6    O6     doub N N 32  
2MG C6    N1     sing N N 33  
2MG N1    C2     sing N N 34  
2MG N1    HN1    sing N N 35  
2MG C2    N2     sing N N 36  
2MG C2    N3     doub N N 37  
2MG N2    CM2    sing N N 38  
2MG N2    HN2    sing N N 39  
2MG CM2   HM21   sing N N 40  
2MG CM2   HM22   sing N N 41  
2MG CM2   HM23   sing N N 42  
2MG N3    C4     sing N N 43  
A   OP3   P      sing N N 44  
A   OP3   HOP3   sing N N 45  
A   P     OP1    doub N N 46  
A   P     OP2    sing N N 47  
A   P     "O5'"  sing N N 48  
A   OP2   HOP2   sing N N 49  
A   "O5'" "C5'"  sing N N 50  
A   "C5'" "C4'"  sing N N 51  
A   "C5'" "H5'"  sing N N 52  
A   "C5'" "H5''" sing N N 53  
A   "C4'" "O4'"  sing N N 54  
A   "C4'" "C3'"  sing N N 55  
A   "C4'" "H4'"  sing N N 56  
A   "O4'" "C1'"  sing N N 57  
A   "C3'" "O3'"  sing N N 58  
A   "C3'" "C2'"  sing N N 59  
A   "C3'" "H3'"  sing N N 60  
A   "O3'" "HO3'" sing N N 61  
A   "C2'" "O2'"  sing N N 62  
A   "C2'" "C1'"  sing N N 63  
A   "C2'" "H2'"  sing N N 64  
A   "O2'" "HO2'" sing N N 65  
A   "C1'" N9     sing N N 66  
A   "C1'" "H1'"  sing N N 67  
A   N9    C8     sing Y N 68  
A   N9    C4     sing Y N 69  
A   C8    N7     doub Y N 70  
A   C8    H8     sing N N 71  
A   N7    C5     sing Y N 72  
A   C5    C6     sing Y N 73  
A   C5    C4     doub Y N 74  
A   C6    N6     sing N N 75  
A   C6    N1     doub Y N 76  
A   N6    H61    sing N N 77  
A   N6    H62    sing N N 78  
A   N1    C2     sing Y N 79  
A   C2    N3     doub Y N 80  
A   C2    H2     sing N N 81  
A   N3    C4     sing Y N 82  
C   OP3   P      sing N N 83  
C   OP3   HOP3   sing N N 84  
C   P     OP1    doub N N 85  
C   P     OP2    sing N N 86  
C   P     "O5'"  sing N N 87  
C   OP2   HOP2   sing N N 88  
C   "O5'" "C5'"  sing N N 89  
C   "C5'" "C4'"  sing N N 90  
C   "C5'" "H5'"  sing N N 91  
C   "C5'" "H5''" sing N N 92  
C   "C4'" "O4'"  sing N N 93  
C   "C4'" "C3'"  sing N N 94  
C   "C4'" "H4'"  sing N N 95  
C   "O4'" "C1'"  sing N N 96  
C   "C3'" "O3'"  sing N N 97  
C   "C3'" "C2'"  sing N N 98  
C   "C3'" "H3'"  sing N N 99  
C   "O3'" "HO3'" sing N N 100 
C   "C2'" "O2'"  sing N N 101 
C   "C2'" "C1'"  sing N N 102 
C   "C2'" "H2'"  sing N N 103 
C   "O2'" "HO2'" sing N N 104 
C   "C1'" N1     sing N N 105 
C   "C1'" "H1'"  sing N N 106 
C   N1    C2     sing N N 107 
C   N1    C6     sing N N 108 
C   C2    O2     doub N N 109 
C   C2    N3     sing N N 110 
C   N3    C4     doub N N 111 
C   C4    N4     sing N N 112 
C   C4    C5     sing N N 113 
C   N4    H41    sing N N 114 
C   N4    H42    sing N N 115 
C   C5    C6     doub N N 116 
C   C5    H5     sing N N 117 
C   C6    H6     sing N N 118 
G   OP3   P      sing N N 119 
G   OP3   HOP3   sing N N 120 
G   P     OP1    doub N N 121 
G   P     OP2    sing N N 122 
G   P     "O5'"  sing N N 123 
G   OP2   HOP2   sing N N 124 
G   "O5'" "C5'"  sing N N 125 
G   "C5'" "C4'"  sing N N 126 
G   "C5'" "H5'"  sing N N 127 
G   "C5'" "H5''" sing N N 128 
G   "C4'" "O4'"  sing N N 129 
G   "C4'" "C3'"  sing N N 130 
G   "C4'" "H4'"  sing N N 131 
G   "O4'" "C1'"  sing N N 132 
G   "C3'" "O3'"  sing N N 133 
G   "C3'" "C2'"  sing N N 134 
G   "C3'" "H3'"  sing N N 135 
G   "O3'" "HO3'" sing N N 136 
G   "C2'" "O2'"  sing N N 137 
G   "C2'" "C1'"  sing N N 138 
G   "C2'" "H2'"  sing N N 139 
G   "O2'" "HO2'" sing N N 140 
G   "C1'" N9     sing N N 141 
G   "C1'" "H1'"  sing N N 142 
G   N9    C8     sing Y N 143 
G   N9    C4     sing Y N 144 
G   C8    N7     doub Y N 145 
G   C8    H8     sing N N 146 
G   N7    C5     sing Y N 147 
G   C5    C6     sing N N 148 
G   C5    C4     doub Y N 149 
G   C6    O6     doub N N 150 
G   C6    N1     sing N N 151 
G   N1    C2     sing N N 152 
G   N1    H1     sing N N 153 
G   C2    N2     sing N N 154 
G   C2    N3     doub N N 155 
G   N2    H21    sing N N 156 
G   N2    H22    sing N N 157 
G   N3    C4     sing N N 158 
MA6 C2    N3     doub Y N 159 
MA6 C2    N1     sing Y N 160 
MA6 C2    H2     sing N N 161 
MA6 C4    C5     doub Y N 162 
MA6 C4    N9     sing Y N 163 
MA6 C4    N3     sing Y N 164 
MA6 C5    C6     sing Y N 165 
MA6 C5    N7     sing Y N 166 
MA6 P     OP1    doub N N 167 
MA6 P     OP2    sing N N 168 
MA6 P     OP3    sing N N 169 
MA6 P     "O5'"  sing N N 170 
MA6 OP2   HOP2   sing N N 171 
MA6 "O5'" "C5'"  sing N N 172 
MA6 "C5'" "C4'"  sing N N 173 
MA6 "C5'" "H5'"  sing N N 174 
MA6 "C5'" "H5''" sing N N 175 
MA6 "C4'" "O4'"  sing N N 176 
MA6 "C4'" "C3'"  sing N N 177 
MA6 "C4'" "H4'"  sing N N 178 
MA6 "O4'" "C1'"  sing N N 179 
MA6 "C1'" N9     sing N N 180 
MA6 "C1'" "C2'"  sing N N 181 
MA6 "C1'" "H1'"  sing N N 182 
MA6 N9    C8     sing Y N 183 
MA6 N1    C6     doub Y N 184 
MA6 C6    N6     sing N N 185 
MA6 N6    C9     sing N N 186 
MA6 N6    C10    sing N N 187 
MA6 C9    H91    sing N N 188 
MA6 C9    H92    sing N N 189 
MA6 C9    H93    sing N N 190 
MA6 C10   H101   sing N N 191 
MA6 C10   H102   sing N N 192 
MA6 C10   H103   sing N N 193 
MA6 N7    C8     doub Y N 194 
MA6 C8    H8     sing N N 195 
MA6 "C2'" "O2'"  sing N N 196 
MA6 "C2'" "C3'"  sing N N 197 
MA6 "C2'" "H2'"  sing N N 198 
MA6 "O2'" "HO2'" sing N N 199 
MA6 "C3'" "O3'"  sing N N 200 
MA6 "C3'" "H3'"  sing N N 201 
MA6 "O3'" "HO3'" sing N N 202 
MA6 OP3   HOP3   sing N N 203 
U   OP3   P      sing N N 204 
U   OP3   HOP3   sing N N 205 
U   P     OP1    doub N N 206 
U   P     OP2    sing N N 207 
U   P     "O5'"  sing N N 208 
U   OP2   HOP2   sing N N 209 
U   "O5'" "C5'"  sing N N 210 
U   "C5'" "C4'"  sing N N 211 
U   "C5'" "H5'"  sing N N 212 
U   "C5'" "H5''" sing N N 213 
U   "C4'" "O4'"  sing N N 214 
U   "C4'" "C3'"  sing N N 215 
U   "C4'" "H4'"  sing N N 216 
U   "O4'" "C1'"  sing N N 217 
U   "C3'" "O3'"  sing N N 218 
U   "C3'" "C2'"  sing N N 219 
U   "C3'" "H3'"  sing N N 220 
U   "O3'" "HO3'" sing N N 221 
U   "C2'" "O2'"  sing N N 222 
U   "C2'" "C1'"  sing N N 223 
U   "C2'" "H2'"  sing N N 224 
U   "O2'" "HO2'" sing N N 225 
U   "C1'" N1     sing N N 226 
U   "C1'" "H1'"  sing N N 227 
U   N1    C2     sing N N 228 
U   N1    C6     sing N N 229 
U   C2    O2     doub N N 230 
U   C2    N3     sing N N 231 
U   N3    C4     sing N N 232 
U   N3    H3     sing N N 233 
U   C4    O4     doub N N 234 
U   C4    C5     sing N N 235 
U   C5    C6     doub N N 236 
U   C5    H5     sing N N 237 
U   C6    H6     sing N N 238 
# 
loop_
_ndb_struct_conf_na.entry_id 
_ndb_struct_conf_na.feature 
1WTS 'double helix'         
1WTS 'a-form double helix'  
1WTS tetraloop              
1WTS 'mismatched base pair' 
# 
loop_
_ndb_struct_na_base_pair.model_number 
_ndb_struct_na_base_pair.i_label_asym_id 
_ndb_struct_na_base_pair.i_label_comp_id 
_ndb_struct_na_base_pair.i_label_seq_id 
_ndb_struct_na_base_pair.i_symmetry 
_ndb_struct_na_base_pair.j_label_asym_id 
_ndb_struct_na_base_pair.j_label_comp_id 
_ndb_struct_na_base_pair.j_label_seq_id 
_ndb_struct_na_base_pair.j_symmetry 
_ndb_struct_na_base_pair.shear 
_ndb_struct_na_base_pair.stretch 
_ndb_struct_na_base_pair.stagger 
_ndb_struct_na_base_pair.buckle 
_ndb_struct_na_base_pair.propeller 
_ndb_struct_na_base_pair.opening 
_ndb_struct_na_base_pair.pair_number 
_ndb_struct_na_base_pair.pair_name 
_ndb_struct_na_base_pair.i_auth_asym_id 
_ndb_struct_na_base_pair.i_auth_seq_id 
_ndb_struct_na_base_pair.i_PDB_ins_code 
_ndb_struct_na_base_pair.j_auth_asym_id 
_ndb_struct_na_base_pair.j_auth_seq_id 
_ndb_struct_na_base_pair.j_PDB_ins_code 
_ndb_struct_na_base_pair.hbond_type_28 
_ndb_struct_na_base_pair.hbond_type_12 
1 A G   1 1_555 A C   14 1_555 -0.253 -0.210 -0.141 1.496   6.060  -4.101  1 A_G1:C14_A    A 1 ? A 14 ? 19 1 
1 A G   2 1_555 A C   13 1_555 -0.802 -0.330 -0.131 9.501   -2.714 -1.820  2 A_G2:C13_A    A 2 ? A 13 ? 19 1 
1 A A   3 1_555 A U   12 1_555 -0.274 -0.141 -0.042 11.809  -3.213 2.665   3 A_A3:U12_A    A 3 ? A 12 ? 20 1 
1 A C   4 1_555 A G   11 1_555 0.069  -0.169 -0.214 -0.179  -2.185 -2.670  4 A_C4:G11_A    A 4 ? A 11 ? 19 1 
1 A C   5 1_555 A G   10 1_555 0.624  -0.186 0.129  -4.841  -1.247 -0.264  5 A_C5:G10_A    A 5 ? A 10 ? 19 1 
1 A 2MG 6 1_555 A MA6 9  1_555 0.789  1.872  -1.790 -37.733 28.793 -90.113 6 A_2MG6:MA69_A A 6 ? A 9  ? ?  ? 
# 
loop_
_ndb_struct_na_base_pair_step.model_number 
_ndb_struct_na_base_pair_step.i_label_asym_id_1 
_ndb_struct_na_base_pair_step.i_label_comp_id_1 
_ndb_struct_na_base_pair_step.i_label_seq_id_1 
_ndb_struct_na_base_pair_step.i_symmetry_1 
_ndb_struct_na_base_pair_step.j_label_asym_id_1 
_ndb_struct_na_base_pair_step.j_label_comp_id_1 
_ndb_struct_na_base_pair_step.j_label_seq_id_1 
_ndb_struct_na_base_pair_step.j_symmetry_1 
_ndb_struct_na_base_pair_step.i_label_asym_id_2 
_ndb_struct_na_base_pair_step.i_label_comp_id_2 
_ndb_struct_na_base_pair_step.i_label_seq_id_2 
_ndb_struct_na_base_pair_step.i_symmetry_2 
_ndb_struct_na_base_pair_step.j_label_asym_id_2 
_ndb_struct_na_base_pair_step.j_label_comp_id_2 
_ndb_struct_na_base_pair_step.j_label_seq_id_2 
_ndb_struct_na_base_pair_step.j_symmetry_2 
_ndb_struct_na_base_pair_step.shift 
_ndb_struct_na_base_pair_step.slide 
_ndb_struct_na_base_pair_step.rise 
_ndb_struct_na_base_pair_step.tilt 
_ndb_struct_na_base_pair_step.roll 
_ndb_struct_na_base_pair_step.twist 
_ndb_struct_na_base_pair_step.x_displacement 
_ndb_struct_na_base_pair_step.y_displacement 
_ndb_struct_na_base_pair_step.helical_rise 
_ndb_struct_na_base_pair_step.inclination 
_ndb_struct_na_base_pair_step.tip 
_ndb_struct_na_base_pair_step.helical_twist 
_ndb_struct_na_base_pair_step.step_number 
_ndb_struct_na_base_pair_step.step_name 
_ndb_struct_na_base_pair_step.i_auth_asym_id_1 
_ndb_struct_na_base_pair_step.i_auth_seq_id_1 
_ndb_struct_na_base_pair_step.i_PDB_ins_code_1 
_ndb_struct_na_base_pair_step.j_auth_asym_id_1 
_ndb_struct_na_base_pair_step.j_auth_seq_id_1 
_ndb_struct_na_base_pair_step.j_PDB_ins_code_1 
_ndb_struct_na_base_pair_step.i_auth_asym_id_2 
_ndb_struct_na_base_pair_step.i_auth_seq_id_2 
_ndb_struct_na_base_pair_step.i_PDB_ins_code_2 
_ndb_struct_na_base_pair_step.j_auth_asym_id_2 
_ndb_struct_na_base_pair_step.j_auth_seq_id_2 
_ndb_struct_na_base_pair_step.j_PDB_ins_code_2 
1 A G 1 1_555 A C 14 1_555 A G   2 1_555 A C   13 1_555 -0.171 -1.223 3.211 1.782  9.758  20.942 -6.097 0.984  2.386 25.109 -4.586 
23.149 1 AA_G1G2:C13C14_AA    A 1 ? A 14 ? A 2 ? A 13 ? 
1 A G 2 1_555 A C 13 1_555 A A   3 1_555 A U   12 1_555 -0.028 -2.358 3.007 -9.166 12.390 32.511 -5.241 -1.001 1.948 20.740 15.343 
35.889 2 AA_G2A3:U12C13_AA    A 2 ? A 13 ? A 3 ? A 12 ? 
1 A A 3 1_555 A U 12 1_555 A C   4 1_555 A G   11 1_555 -0.400 -2.653 3.354 0.763  6.887  31.034 -6.029 0.861  2.707 12.673 -1.404 
31.779 3 AA_A3C4:G11U12_AA    A 3 ? A 12 ? A 4 ? A 11 ? 
1 A C 4 1_555 A G 11 1_555 A C   5 1_555 A G   10 1_555 0.310  -2.111 3.235 -0.891 5.717  29.616 -5.136 -0.763 2.777 11.051 1.722 
30.163 4 AA_C4C5:G10G11_AA    A 4 ? A 11 ? A 5 ? A 10 ? 
1 A C 5 1_555 A G 10 1_555 A 2MG 6 1_555 A MA6 9  1_555 0.389  -2.544 3.973 24.815 2.445  83.341 -1.927 0.400  3.894 1.804  
-18.306 86.333 5 AA_C52MG6:MA69G10_AA A 5 ? A 10 ? A 6 ? A 9  ? 
# 
loop_
_pdbx_nmr_spectrometer.spectrometer_id 
_pdbx_nmr_spectrometer.model 
_pdbx_nmr_spectrometer.manufacturer 
_pdbx_nmr_spectrometer.field_strength 
1 'UNITY 500'     Varian 500 
2 'UNITYPLUS 600' GE     600 
3 'OMEGA 500'     GE     600 
# 
_atom_sites.entry_id                    1WTS 
_atom_sites.fract_transf_matrix[1][1]   1.000000 
_atom_sites.fract_transf_matrix[1][2]   0.000000 
_atom_sites.fract_transf_matrix[1][3]   0.000000 
_atom_sites.fract_transf_matrix[2][1]   0.000000 
_atom_sites.fract_transf_matrix[2][2]   1.000000 
_atom_sites.fract_transf_matrix[2][3]   0.000000 
_atom_sites.fract_transf_matrix[3][1]   0.000000 
_atom_sites.fract_transf_matrix[3][2]   0.000000 
_atom_sites.fract_transf_matrix[3][3]   1.000000 
_atom_sites.fract_transf_vector[1]      0.00000 
_atom_sites.fract_transf_vector[2]      0.00000 
_atom_sites.fract_transf_vector[3]      0.00000 
# 
loop_
_atom_type.symbol 
C 
H 
N 
O 
P 
# 
loop_
_atom_site.group_PDB 
_atom_site.id 
_atom_site.type_symbol 
_atom_site.label_atom_id 
_atom_site.label_alt_id 
_atom_site.label_comp_id 
_atom_site.label_asym_id 
_atom_site.label_entity_id 
_atom_site.label_seq_id 
_atom_site.pdbx_PDB_ins_code 
_atom_site.Cartn_x 
_atom_site.Cartn_y 
_atom_site.Cartn_z 
_atom_site.occupancy 
_atom_site.B_iso_or_equiv 
_atom_site.pdbx_formal_charge 
_atom_site.auth_seq_id 
_atom_site.auth_comp_id 
_atom_site.auth_asym_id 
_atom_site.auth_atom_id 
_atom_site.pdbx_PDB_model_num 
ATOM   1   O "O5'"  . G   A 1 1  ? -8.668  -3.331  12.056 1.00 1.27 ? 1  G   A "O5'"  1 
ATOM   2   C "C5'"  . G   A 1 1  ? -8.239  -4.517  12.747 1.00 1.27 ? 1  G   A "C5'"  1 
ATOM   3   C "C4'"  . G   A 1 1  ? -7.678  -5.571  11.803 1.00 1.17 ? 1  G   A "C4'"  1 
ATOM   4   O "O4'"  . G   A 1 1  ? -8.602  -5.750  10.687 1.00 1.10 ? 1  G   A "O4'"  1 
ATOM   5   C "C3'"  . G   A 1 1  ? -6.359  -5.261  11.087 1.00 1.16 ? 1  G   A "C3'"  1 
ATOM   6   O "O3'"  . G   A 1 1  ? -5.235  -5.309  11.989 1.00 1.23 ? 1  G   A "O3'"  1 
ATOM   7   C "C2'"  . G   A 1 1  ? -6.404  -6.358  10.010 1.00 1.10 ? 1  G   A "C2'"  1 
ATOM   8   O "O2'"  . G   A 1 1  ? -6.031  -7.672  10.413 1.00 1.14 ? 1  G   A "O2'"  1 
ATOM   9   C "C1'"  . G   A 1 1  ? -7.889  -6.362  9.627  1.00 1.05 ? 1  G   A "C1'"  1 
ATOM   10  N N9     . G   A 1 1  ? -8.154  -5.661  8.368  1.00 0.99 ? 1  G   A N9     1 
ATOM   11  C C8     . G   A 1 1  ? -8.440  -4.326  8.179  1.00 1.06 ? 1  G   A C8     1 
ATOM   12  N N7     . G   A 1 1  ? -8.576  -4.004  6.925  1.00 1.01 ? 1  G   A N7     1 
ATOM   13  C C5     . G   A 1 1  ? -8.371  -5.205  6.240  1.00 0.90 ? 1  G   A C5     1 
ATOM   14  C C6     . G   A 1 1  ? -8.390  -5.516  4.850  1.00 0.83 ? 1  G   A C6     1 
ATOM   15  O O6     . G   A 1 1  ? -8.609  -4.791  3.880  1.00 0.84 ? 1  G   A O6     1 
ATOM   16  N N1     . G   A 1 1  ? -8.135  -6.846  4.609  1.00 0.77 ? 1  G   A N1     1 
ATOM   17  C C2     . G   A 1 1  ? -7.927  -7.756  5.570  1.00 0.78 ? 1  G   A C2     1 
ATOM   18  N N2     . G   A 1 1  ? -7.728  -8.983  5.186  1.00 0.75 ? 1  G   A N2     1 
ATOM   19  N N3     . G   A 1 1  ? -7.904  -7.550  6.852  1.00 0.83 ? 1  G   A N3     1 
ATOM   20  C C4     . G   A 1 1  ? -8.129  -6.240  7.120  1.00 0.89 ? 1  G   A C4     1 
ATOM   21  H "H5'"  . G   A 1 1  ? -9.088  -4.936  13.290 1.00 1.29 ? 1  G   A "H5'"  1 
ATOM   22  H "H5''" . G   A 1 1  ? -7.471  -4.265  13.479 1.00 1.36 ? 1  G   A "H5''" 1 
ATOM   23  H "H4'"  . G   A 1 1  ? -7.517  -6.486  12.378 1.00 1.20 ? 1  G   A "H4'"  1 
ATOM   24  H "H3'"  . G   A 1 1  ? -6.390  -4.269  10.628 1.00 1.18 ? 1  G   A "H3'"  1 
ATOM   25  H "H2'"  . G   A 1 1  ? -5.818  -5.991  9.173  1.00 1.10 ? 1  G   A "H2'"  1 
ATOM   26  H "HO2'" . G   A 1 1  ? -5.258  -7.912  9.858  1.00 1.23 ? 1  G   A "HO2'" 1 
ATOM   27  H "H1'"  . G   A 1 1  ? -8.262  -7.387  9.519  1.00 1.04 ? 1  G   A "H1'"  1 
ATOM   28  H H8     . G   A 1 1  ? -8.549  -3.612  8.983  1.00 1.16 ? 1  G   A H8     1 
ATOM   29  H H1     . G   A 1 1  ? -8.104  -7.137  3.643  1.00 0.73 ? 1  G   A H1     1 
ATOM   30  H H21    . G   A 1 1  ? -7.759  -9.241  4.207  1.00 0.74 ? 1  G   A H21    1 
ATOM   31  H H22    . G   A 1 1  ? -7.576  -9.621  5.943  1.00 0.77 ? 1  G   A H22    1 
ATOM   32  H "HO5'" . G   A 1 1  ? -9.137  -3.644  11.271 1.00 1.19 ? 1  G   A "HO5'" 1 
ATOM   33  P P      . G   A 1 2  ? -3.772  -4.724  11.622 1.00 1.21 ? 2  G   A P      1 
ATOM   34  O OP1    . G   A 1 2  ? -2.940  -4.696  12.852 1.00 1.35 ? 2  G   A OP1    1 
ATOM   35  O OP2    . G   A 1 2  ? -3.957  -3.473  10.842 1.00 1.21 ? 2  G   A OP2    1 
ATOM   36  O "O5'"  . G   A 1 2  ? -3.186  -5.862  10.646 1.00 1.08 ? 2  G   A "O5'"  1 
ATOM   37  C "C5'"  . G   A 1 2  ? -2.868  -7.197  11.081 1.00 1.10 ? 2  G   A "C5'"  1 
ATOM   38  C "C4'"  . G   A 1 2  ? -2.720  -8.140  9.892  1.00 0.93 ? 2  G   A "C4'"  1 
ATOM   39  O "O4'"  . G   A 1 2  ? -3.918  -8.085  9.052  1.00 0.85 ? 2  G   A "O4'"  1 
ATOM   40  C "C3'"  . G   A 1 2  ? -1.598  -7.863  8.885  1.00 0.79 ? 2  G   A "C3'"  1 
ATOM   41  O "O3'"  . G   A 1 2  ? -0.301  -8.252  9.357  1.00 0.81 ? 2  G   A "O3'"  1 
ATOM   42  C "C2'"  . G   A 1 2  ? -2.080  -8.708  7.694  1.00 0.64 ? 2  G   A "C2'"  1 
ATOM   43  O "O2'"  . G   A 1 2  ? -1.944  -10.118 7.846  1.00 0.69 ? 2  G   A "O2'"  1 
ATOM   44  C "C1'"  . G   A 1 2  ? -3.563  -8.369  7.709  1.00 0.69 ? 2  G   A "C1'"  1 
ATOM   45  N N9     . G   A 1 2  ? -3.978  -7.258  6.838  1.00 0.66 ? 2  G   A N9     1 
ATOM   46  C C8     . G   A 1 2  ? -4.226  -5.945  7.161  1.00 0.76 ? 2  G   A C8     1 
ATOM   47  N N7     . G   A 1 2  ? -4.663  -5.231  6.164  1.00 0.71 ? 2  G   A N7     1 
ATOM   48  C C5     . G   A 1 2  ? -4.650  -6.118  5.080  1.00 0.57 ? 2  G   A C5     1 
ATOM   49  C C6     . G   A 1 2  ? -4.932  -5.941  3.691  1.00 0.49 ? 2  G   A C6     1 
ATOM   50  O O6     . G   A 1 2  ? -5.351  -4.955  3.079  1.00 0.51 ? 2  G   A O6     1 
ATOM   51  N N1     . G   A 1 2  ? -4.675  -7.082  2.963  1.00 0.42 ? 2  G   A N1     1 
ATOM   52  C C2     . G   A 1 2  ? -4.249  -8.236  3.515  1.00 0.42 ? 2  G   A C2     1 
ATOM   53  N N2     . G   A 1 2  ? -4.027  -9.245  2.730  1.00 0.40 ? 2  G   A N2     1 
ATOM   54  N N3     . G   A 1 2  ? -4.010  -8.481  4.764  1.00 0.48 ? 2  G   A N3     1 
ATOM   55  C C4     . G   A 1 2  ? -4.216  -7.364  5.493  1.00 0.55 ? 2  G   A C4     1 
ATOM   56  H "H5'"  . G   A 1 2  ? -3.652  -7.581  11.738 1.00 1.17 ? 2  G   A "H5'"  1 
ATOM   57  H "H5''" . G   A 1 2  ? -1.935  -7.200  11.648 1.00 1.17 ? 2  G   A "H5''" 1 
ATOM   58  H "H4'"  . G   A 1 2  ? -2.539  -9.136  10.297 1.00 0.98 ? 2  G   A "H4'"  1 
ATOM   59  H "H3'"  . G   A 1 2  ? -1.571  -6.805  8.622  1.00 0.81 ? 2  G   A "H3'"  1 
ATOM   60  H "H2'"  . G   A 1 2  ? -1.619  -8.350  6.778  1.00 0.51 ? 2  G   A "H2'"  1 
ATOM   61  H "HO2'" . G   A 1 2  ? -1.194  -10.269 8.423  1.00 1.31 ? 2  G   A "HO2'" 1 
ATOM   62  H "H1'"  . G   A 1 2  ? -4.117  -9.250  7.380  1.00 0.69 ? 2  G   A "H1'"  1 
ATOM   63  H H8     . G   A 1 2  ? -4.010  -5.527  8.127  1.00 0.88 ? 2  G   A H8     1 
ATOM   64  H H1     . G   A 1 2  ? -4.821  -7.012  1.963  1.00 0.38 ? 2  G   A H1     1 
ATOM   65  H H21    . G   A 1 2  ? -4.106  -9.132  1.725  1.00 0.38 ? 2  G   A H21    1 
ATOM   66  H H22    . G   A 1 2  ? -3.705  -10.061 3.215  1.00 0.43 ? 2  G   A H22    1 
ATOM   67  P P      . A   A 1 3  ? 1.037   -7.558  8.785  1.00 0.78 ? 3  A   A P      1 
ATOM   68  O OP1    . A   A 1 3  ? 2.221   -8.240  9.352  1.00 0.82 ? 3  A   A OP1    1 
ATOM   69  O OP2    . A   A 1 3  ? 0.885   -6.093  8.967  1.00 0.92 ? 3  A   A OP2    1 
ATOM   70  O "O5'"  . A   A 1 3  ? 0.955   -7.915  7.218  1.00 0.60 ? 3  A   A "O5'"  1 
ATOM   71  C "C5'"  . A   A 1 3  ? 1.315   -9.208  6.702  1.00 0.54 ? 3  A   A "C5'"  1 
ATOM   72  C "C4'"  . A   A 1 3  ? 1.312   -9.265  5.185  1.00 0.47 ? 3  A   A "C4'"  1 
ATOM   73  O "O4'"  . A   A 1 3  ? -0.030  -9.310  4.585  1.00 0.40 ? 3  A   A "O4'"  1 
ATOM   74  C "C3'"  . A   A 1 3  ? 1.935   -8.095  4.423  1.00 0.47 ? 3  A   A "C3'"  1 
ATOM   75  O "O3'"  . A   A 1 3  ? 3.334   -7.897  4.668  1.00 0.55 ? 3  A   A "O3'"  1 
ATOM   76  C "C2'"  . A   A 1 3  ? 1.542   -8.518  3.001  1.00 0.41 ? 3  A   A "C2'"  1 
ATOM   77  O "O2'"  . A   A 1 3  ? 2.131   -9.733  2.494  1.00 0.44 ? 3  A   A "O2'"  1 
ATOM   78  C "C1'"  . A   A 1 3  ? 0.054   -8.724  3.279  1.00 0.37 ? 3  A   A "C1'"  1 
ATOM   79  N N9     . A   A 1 3  ? -0.765  -7.492  3.230  1.00 0.36 ? 3  A   A N9     1 
ATOM   80  C C8     . A   A 1 3  ? -1.257  -6.720  4.263  1.00 0.41 ? 3  A   A C8     1 
ATOM   81  N N7     . A   A 1 3  ? -1.853  -5.631  3.861  1.00 0.41 ? 3  A   A N7     1 
ATOM   82  C C5     . A   A 1 3  ? -1.802  -5.712  2.470  1.00 0.36 ? 3  A   A C5     1 
ATOM   83  C C6     . A   A 1 3  ? -2.228  -4.855  1.440  1.00 0.35 ? 3  A   A C6     1 
ATOM   84  N N6     . A   A 1 3  ? -2.880  -3.721  1.600  1.00 0.40 ? 3  A   A N6     1 
ATOM   85  N N1     . A   A 1 3  ? -1.978  -5.198  0.172  1.00 0.31 ? 3  A   A N1     1 
ATOM   86  C C2     . A   A 1 3  ? -1.375  -6.374  -0.056 1.00 0.28 ? 3  A   A C2     1 
ATOM   87  N N3     . A   A 1 3  ? -0.908  -7.276  0.806  1.00 0.29 ? 3  A   A N3     1 
ATOM   88  C C4     . A   A 1 3  ? -1.149  -6.861  2.068  1.00 0.32 ? 3  A   A C4     1 
ATOM   89  H "H5'"  . A   A 1 3  ? 0.673   -9.998  7.093  1.00 0.54 ? 3  A   A "H5'"  1 
ATOM   90  H "H5''" . A   A 1 3  ? 2.339   -9.435  7.002  1.00 0.59 ? 3  A   A "H5''" 1 
ATOM   91  H "H4'"  . A   A 1 3  ? 1.906   -10.149 4.944  1.00 0.50 ? 3  A   A "H4'"  1 
ATOM   92  H "H3'"  . A   A 1 3  ? 1.425   -7.171  4.710  1.00 0.48 ? 3  A   A "H3'"  1 
ATOM   93  H "H2'"  . A   A 1 3  ? 1.639   -7.684  2.320  1.00 0.40 ? 3  A   A "H2'"  1 
ATOM   94  H "HO2'" . A   A 1 3  ? 1.989   -9.752  1.543  1.00 0.46 ? 3  A   A "HO2'" 1 
ATOM   95  H "H1'"  . A   A 1 3  ? -0.283  -9.359  2.468  1.00 0.35 ? 3  A   A "H1'"  1 
ATOM   96  H H8     . A   A 1 3  ? -1.214  -6.968  5.315  1.00 0.48 ? 3  A   A H8     1 
ATOM   97  H H61    . A   A 1 3  ? -3.160  -3.165  0.791  1.00 0.39 ? 3  A   A H61    1 
ATOM   98  H H62    . A   A 1 3  ? -3.097  -3.447  2.544  1.00 0.46 ? 3  A   A H62    1 
ATOM   99  H H2     . A   A 1 3  ? -1.279  -6.650  -1.109 1.00 0.28 ? 3  A   A H2     1 
ATOM   100 P P      . C   A 1 4  ? 4.042   -6.472  4.370  1.00 0.59 ? 4  C   A P      1 
ATOM   101 O OP1    . C   A 1 4  ? 5.435   -6.481  4.873  1.00 0.69 ? 4  C   A OP1    1 
ATOM   102 O OP2    . C   A 1 4  ? 3.120   -5.381  4.776  1.00 0.62 ? 4  C   A OP2    1 
ATOM   103 O "O5'"  . C   A 1 4  ? 4.098   -6.528  2.781  1.00 0.53 ? 4  C   A "O5'"  1 
ATOM   104 C "C5'"  . C   A 1 4  ? 4.740   -7.573  2.034  1.00 0.53 ? 4  C   A "C5'"  1 
ATOM   105 C "C4'"  . C   A 1 4  ? 4.519   -7.315  0.555  1.00 0.50 ? 4  C   A "C4'"  1 
ATOM   106 O "O4'"  . C   A 1 4  ? 3.095   -7.321  0.181  1.00 0.44 ? 4  C   A "O4'"  1 
ATOM   107 C "C3'"  . C   A 1 4  ? 4.949   -5.925  0.111  1.00 0.52 ? 4  C   A "C3'"  1 
ATOM   108 O "O3'"  . C   A 1 4  ? 6.370   -5.766  0.194  1.00 0.59 ? 4  C   A "O3'"  1 
ATOM   109 C "C2'"  . C   A 1 4  ? 4.259   -5.858  -1.256 1.00 0.47 ? 4  C   A "C2'"  1 
ATOM   110 O "O2'"  . C   A 1 4  ? 4.758   -6.740  -2.272 1.00 0.50 ? 4  C   A "O2'"  1 
ATOM   111 C "C1'"  . C   A 1 4  ? 2.854   -6.295  -0.788 1.00 0.43 ? 4  C   A "C1'"  1 
ATOM   112 N N1     . C   A 1 4  ? 2.022   -5.160  -0.229 1.00 0.42 ? 4  C   A N1     1 
ATOM   113 C C2     . C   A 1 4  ? 1.557   -4.131  -1.067 1.00 0.43 ? 4  C   A C2     1 
ATOM   114 O O2     . C   A 1 4  ? 1.841   -4.165  -2.269 1.00 0.44 ? 4  C   A O2     1 
ATOM   115 N N3     . C   A 1 4  ? 0.819   -3.114  -0.575 1.00 0.43 ? 4  C   A N3     1 
ATOM   116 C C4     . C   A 1 4  ? 0.540   -3.113  0.710  1.00 0.44 ? 4  C   A C4     1 
ATOM   117 N N4     . C   A 1 4  ? -0.173  -2.124  1.156  1.00 0.47 ? 4  C   A N4     1 
ATOM   118 C C5     . C   A 1 4  ? 0.962   -4.101  1.609  1.00 0.43 ? 4  C   A C5     1 
ATOM   119 C C6     . C   A 1 4  ? 1.701   -5.086  1.099  1.00 0.42 ? 4  C   A C6     1 
ATOM   120 H "H5'"  . C   A 1 4  ? 4.359   -8.562  2.283  1.00 0.51 ? 4  C   A "H5'"  1 
ATOM   121 H "H5''" . C   A 1 4  ? 5.814   -7.569  2.228  1.00 0.58 ? 4  C   A "H5''" 1 
ATOM   122 H "H4'"  . C   A 1 4  ? 5.136   -8.028  -0.001 1.00 0.53 ? 4  C   A "H4'"  1 
ATOM   123 H "H3'"  . C   A 1 4  ? 4.498   -5.170  0.758  1.00 0.52 ? 4  C   A "H3'"  1 
ATOM   124 H "H2'"  . C   A 1 4  ? 4.223   -4.808  -1.538 1.00 0.47 ? 4  C   A "H2'"  1 
ATOM   125 H "HO2'" . C   A 1 4  ? 4.412   -6.442  -3.118 1.00 0.46 ? 4  C   A "HO2'" 1 
ATOM   126 H "H1'"  . C   A 1 4  ? 2.294   -6.762  -1.607 1.00 0.41 ? 4  C   A "H1'"  1 
ATOM   127 H H41    . C   A 1 4  ? -0.433  -1.398  0.489  1.00 0.47 ? 4  C   A H41    1 
ATOM   128 H H42    . C   A 1 4  ? -0.418  -2.065  2.123  1.00 0.49 ? 4  C   A H42    1 
ATOM   129 H H5     . C   A 1 4  ? 0.693   -4.044  2.659  1.00 0.44 ? 4  C   A H5     1 
ATOM   130 H H6     . C   A 1 4  ? 2.076   -5.840  1.758  1.00 0.42 ? 4  C   A H6     1 
ATOM   131 P P      . C   A 1 5  ? 7.043   -4.362  0.617  1.00 0.62 ? 5  C   A P      1 
ATOM   132 O OP1    . C   A 1 5  ? 8.494   -4.531  0.844  1.00 0.72 ? 5  C   A OP1    1 
ATOM   133 O OP2    . C   A 1 5  ? 6.206   -3.719  1.664  1.00 0.65 ? 5  C   A OP2    1 
ATOM   134 O "O5'"  . C   A 1 5  ? 6.870   -3.564  -0.738 1.00 0.51 ? 5  C   A "O5'"  1 
ATOM   135 C "C5'"  . C   A 1 5  ? 7.319   -4.054  -2.016 1.00 0.47 ? 5  C   A "C5'"  1 
ATOM   136 C "C4'"  . C   A 1 5  ? 6.689   -3.174  -3.076 1.00 0.36 ? 5  C   A "C4'"  1 
ATOM   137 O "O4'"  . C   A 1 5  ? 5.240   -3.162  -2.845 1.00 0.38 ? 5  C   A "O4'"  1 
ATOM   138 C "C3'"  . C   A 1 5  ? 7.127   -1.711  -2.996 1.00 0.33 ? 5  C   A "C3'"  1 
ATOM   139 O "O3'"  . C   A 1 5  ? 8.369   -1.493  -3.696 1.00 0.42 ? 5  C   A "O3'"  1 
ATOM   140 C "C2'"  . C   A 1 5  ? 5.902   -1.042  -3.618 1.00 0.27 ? 5  C   A "C2'"  1 
ATOM   141 O "O2'"  . C   A 1 5  ? 5.847   -1.075  -5.046 1.00 0.31 ? 5  C   A "O2'"  1 
ATOM   142 C "C1'"  . C   A 1 5  ? 4.754   -1.848  -3.016 1.00 0.31 ? 5  C   A "C1'"  1 
ATOM   143 N N1     . C   A 1 5  ? 4.020   -1.316  -1.809 1.00 0.33 ? 5  C   A N1     1 
ATOM   144 C C2     . C   A 1 5  ? 3.329   -0.093  -1.938 1.00 0.30 ? 5  C   A C2     1 
ATOM   145 O O2     . C   A 1 5  ? 3.334   0.510   -3.010 1.00 0.27 ? 5  C   A O2     1 
ATOM   146 N N3     . C   A 1 5  ? 2.646   0.448   -0.924 1.00 0.33 ? 5  C   A N3     1 
ATOM   147 C C4     . C   A 1 5  ? 2.650   -0.186  0.218  1.00 0.38 ? 5  C   A C4     1 
ATOM   148 N N4     . C   A 1 5  ? 1.990   0.427   1.153  1.00 0.41 ? 5  C   A N4     1 
ATOM   149 C C5     . C   A 1 5  ? 3.312   -1.416  0.442  1.00 0.42 ? 5  C   A C5     1 
ATOM   150 C C6     . C   A 1 5  ? 3.966   -1.960  -0.592 1.00 0.39 ? 5  C   A C6     1 
ATOM   151 H "H5'"  . C   A 1 5  ? 7.003   -5.085  -2.191 1.00 0.51 ? 5  C   A "H5'"  1 
ATOM   152 H "H5''" . C   A 1 5  ? 8.405   -4.009  -2.099 1.00 0.50 ? 5  C   A "H5''" 1 
ATOM   153 H "H4'"  . C   A 1 5  ? 6.981   -3.545  -4.060 1.00 0.35 ? 5  C   A "H4'"  1 
ATOM   154 H "H3'"  . C   A 1 5  ? 7.237   -1.369  -1.966 1.00 0.42 ? 5  C   A "H3'"  1 
ATOM   155 H "H2'"  . C   A 1 5  ? 5.809   -0.055  -3.216 1.00 0.27 ? 5  C   A "H2'"  1 
ATOM   156 H "HO2'" . C   A 1 5  ? 6.698   -0.769  -5.369 1.00 0.35 ? 5  C   A "HO2'" 1 
ATOM   157 H "H1'"  . C   A 1 5  ? 4.040   -1.843  -3.830 1.00 0.28 ? 5  C   A "H1'"  1 
ATOM   158 H H41    . C   A 1 5  ? 1.509   1.266   0.823  1.00 0.41 ? 5  C   A H41    1 
ATOM   159 H H42    . C   A 1 5  ? 1.917   0.068   2.077  1.00 0.44 ? 5  C   A H42    1 
ATOM   160 H H5     . C   A 1 5  ? 3.290   -1.918  1.404  1.00 0.48 ? 5  C   A H5     1 
ATOM   161 H H6     . C   A 1 5  ? 4.396   -2.950  -0.424 1.00 0.44 ? 5  C   A H6     1 
HETATM 162 P P      . 2MG A 1 6  ? 9.396   -0.317  -3.285 1.00 0.62 ? 6  2MG A P      1 
HETATM 163 O OP1    . 2MG A 1 6  ? 10.511  -0.316  -4.264 1.00 0.85 ? 6  2MG A OP1    1 
HETATM 164 O OP2    . 2MG A 1 6  ? 9.687   -0.475  -1.834 1.00 0.74 ? 6  2MG A OP2    1 
HETATM 165 O "O5'"  . 2MG A 1 6  ? 8.473   0.981   -3.517 1.00 0.48 ? 6  2MG A "O5'"  1 
HETATM 166 C "C5'"  . 2MG A 1 6  ? 8.239   1.569   -4.807 1.00 0.48 ? 6  2MG A "C5'"  1 
HETATM 167 C "C4'"  . 2MG A 1 6  ? 7.371   2.812   -4.716 1.00 0.37 ? 6  2MG A "C4'"  1 
HETATM 168 O "O4'"  . 2MG A 1 6  ? 6.041   2.460   -4.254 1.00 0.25 ? 6  2MG A "O4'"  1 
HETATM 169 C "C3'"  . 2MG A 1 6  ? 7.799   3.925   -3.747 1.00 0.34 ? 6  2MG A "C3'"  1 
HETATM 170 O "O3'"  . 2MG A 1 6  ? 8.937   4.625   -4.279 1.00 0.54 ? 6  2MG A "O3'"  1 
HETATM 171 C "C2'"  . 2MG A 1 6  ? 6.508   4.747   -3.677 1.00 0.24 ? 6  2MG A "C2'"  1 
HETATM 172 O "O2'"  . 2MG A 1 6  ? 6.277   5.568   -4.819 1.00 0.37 ? 6  2MG A "O2'"  1 
HETATM 173 C "C1'"  . 2MG A 1 6  ? 5.485   3.598   -3.605 1.00 0.21 ? 6  2MG A "C1'"  1 
HETATM 174 N N9     . 2MG A 1 6  ? 5.141   3.242   -2.225 1.00 0.22 ? 6  2MG A N9     1 
HETATM 175 C C8     . 2MG A 1 6  ? 5.554   2.155   -1.490 1.00 0.28 ? 6  2MG A C8     1 
HETATM 176 N N7     . 2MG A 1 6  ? 5.101   2.150   -0.268 1.00 0.34 ? 6  2MG A N7     1 
HETATM 177 C C5     . 2MG A 1 6  ? 4.312   3.291   -0.201 1.00 0.33 ? 6  2MG A C5     1 
HETATM 178 C C6     . 2MG A 1 6  ? 3.538   3.817   0.861  1.00 0.41 ? 6  2MG A C6     1 
HETATM 179 O O6     . 2MG A 1 6  ? 3.390   3.379   2.005  1.00 0.49 ? 6  2MG A O6     1 
HETATM 180 N N1     . 2MG A 1 6  ? 2.886   4.982   0.487  1.00 0.43 ? 6  2MG A N1     1 
HETATM 181 C C2     . 2MG A 1 6  ? 2.972   5.586   -0.740 1.00 0.38 ? 6  2MG A C2     1 
HETATM 182 N N2     . 2MG A 1 6  ? 2.260   6.713   -0.884 1.00 0.45 ? 6  2MG A N2     1 
HETATM 183 C CM2    . 2MG A 1 6  ? 2.250   7.548   -2.086 1.00 0.43 ? 6  2MG A CM2    1 
HETATM 184 N N3     . 2MG A 1 6  ? 3.696   5.115   -1.735 1.00 0.30 ? 6  2MG A N3     1 
HETATM 185 C C4     . 2MG A 1 6  ? 4.327   3.972   -1.397 1.00 0.26 ? 6  2MG A C4     1 
HETATM 186 H "H5'"  . 2MG A 1 6  ? 7.766   0.850   -5.474 1.00 0.50 ? 6  2MG A "H5'"  1 
HETATM 187 H "H5''" . 2MG A 1 6  ? 9.187   1.863   -5.254 1.00 0.60 ? 6  2MG A "H5''" 1 
HETATM 188 H "H4'"  . 2MG A 1 6  ? 7.359   3.242   -5.719 1.00 0.47 ? 6  2MG A "H4'"  1 
HETATM 189 H "H3'"  . 2MG A 1 6  ? 8.038   3.552   -2.746 1.00 0.36 ? 6  2MG A "H3'"  1 
HETATM 190 H "H2'"  . 2MG A 1 6  ? 6.501   5.311   -2.738 1.00 0.24 ? 6  2MG A "H2'"  1 
HETATM 191 H "HO2'" . 2MG A 1 6  ? 6.964   5.344   -5.449 1.00 0.43 ? 6  2MG A "HO2'" 1 
HETATM 192 H "H1'"  . 2MG A 1 6  ? 4.563   3.852   -4.128 1.00 0.25 ? 6  2MG A "H1'"  1 
HETATM 193 H H8     . 2MG A 1 6  ? 6.159   1.360   -1.896 1.00 0.34 ? 6  2MG A H8     1 
HETATM 194 H HN1    . 2MG A 1 6  ? 2.303   5.395   1.194  1.00 0.51 ? 6  2MG A HN1    1 
HETATM 195 H HN2    . 2MG A 1 6  ? 1.711   7.047   -0.106 1.00 0.50 ? 6  2MG A HN2    1 
HETATM 196 H HM21   . 2MG A 1 6  ? 2.356   6.946   -2.976 1.00 1.05 ? 6  2MG A HM21   1 
HETATM 197 H HM22   . 2MG A 1 6  ? 3.063   8.255   -2.038 1.00 1.12 ? 6  2MG A HM22   1 
HETATM 198 H HM23   . 2MG A 1 6  ? 1.324   8.100   -2.136 1.00 1.07 ? 6  2MG A HM23   1 
ATOM   199 P P      . G   A 1 7  ? 10.372  4.661   -3.543 1.00 0.74 ? 7  G   A P      1 
ATOM   200 O OP1    . G   A 1 7  ? 11.307  5.380   -4.437 1.00 0.95 ? 7  G   A OP1    1 
ATOM   201 O OP2    . G   A 1 7  ? 10.718  3.275   -3.127 1.00 0.99 ? 7  G   A OP2    1 
ATOM   202 O "O5'"  . G   A 1 7  ? 10.100  5.572   -2.246 1.00 0.64 ? 7  G   A "O5'"  1 
ATOM   203 C "C5'"  . G   A 1 7  ? 10.063  7.001   -2.267 1.00 0.56 ? 7  G   A "C5'"  1 
ATOM   204 C "C4'"  . G   A 1 7  ? 8.639   7.552   -2.237 1.00 0.59 ? 7  G   A "C4'"  1 
ATOM   205 O "O4'"  . G   A 1 7  ? 7.909   7.057   -1.081 1.00 0.69 ? 7  G   A "O4'"  1 
ATOM   206 C "C3'"  . G   A 1 7  ? 8.463   9.062   -2.065 1.00 0.72 ? 7  G   A "C3'"  1 
ATOM   207 O "O3'"  . G   A 1 7  ? 7.243   9.521   -2.691 1.00 0.77 ? 7  G   A "O3'"  1 
ATOM   208 C "C2'"  . G   A 1 7  ? 8.592   9.153   -0.557 1.00 1.05 ? 7  G   A "C2'"  1 
ATOM   209 O "O2'"  . G   A 1 7  ? 8.336   10.415  0.011  1.00 1.69 ? 7  G   A "O2'"  1 
ATOM   210 C "C1'"  . G   A 1 7  ? 7.554   8.109   -0.177 1.00 0.86 ? 7  G   A "C1'"  1 
ATOM   211 N N9     . G   A 1 7  ? 7.697   7.603   1.192  1.00 0.84 ? 7  G   A N9     1 
ATOM   212 C C8     . G   A 1 7  ? 7.382   6.327   1.548  1.00 0.80 ? 7  G   A C8     1 
ATOM   213 N N7     . G   A 1 7  ? 7.588   6.071   2.811  1.00 0.83 ? 7  G   A N7     1 
ATOM   214 C C5     . G   A 1 7  ? 8.117   7.263   3.330  1.00 0.91 ? 7  G   A C5     1 
ATOM   215 C C6     . G   A 1 7  ? 8.566   7.632   4.642  1.00 1.04 ? 7  G   A C6     1 
ATOM   216 O O6     . G   A 1 7  ? 8.620   6.998   5.697  1.00 1.09 ? 7  G   A O6     1 
ATOM   217 N N1     . G   A 1 7  ? 9.008   8.935   4.709  1.00 1.18 ? 7  G   A N1     1 
ATOM   218 C C2     . G   A 1 7  ? 9.004   9.764   3.653  1.00 1.19 ? 7  G   A C2     1 
ATOM   219 N N2     . G   A 1 7  ? 9.428   10.981  3.829  1.00 1.38 ? 7  G   A N2     1 
ATOM   220 N N3     . G   A 1 7  ? 8.611   9.504   2.443  1.00 1.08 ? 7  G   A N3     1 
ATOM   221 C C4     . G   A 1 7  ? 8.183   8.221   2.334  1.00 0.93 ? 7  G   A C4     1 
ATOM   222 H "H5'"  . G   A 1 7  ? 10.605  7.412   -3.120 1.00 0.66 ? 7  G   A "H5'"  1 
ATOM   223 H "H5''" . G   A 1 7  ? 10.601  7.324   -1.384 1.00 0.65 ? 7  G   A "H5''" 1 
ATOM   224 H "H4'"  . G   A 1 7  ? 8.172   7.278   -3.186 1.00 0.65 ? 7  G   A "H4'"  1 
ATOM   225 H "H3'"  . G   A 1 7  ? 9.277   9.630   -2.455 1.00 0.96 ? 7  G   A "H3'"  1 
ATOM   226 H "H2'"  . G   A 1 7  ? 9.581   8.778   -0.263 1.00 1.26 ? 7  G   A "H2'"  1 
ATOM   227 H "HO2'" . G   A 1 7  ? 8.366   10.240  0.980  1.00 1.92 ? 7  G   A "HO2'" 1 
ATOM   228 H "H1'"  . G   A 1 7  ? 6.521   8.418   -0.376 1.00 1.13 ? 7  G   A "H1'"  1 
ATOM   229 H H8     . G   A 1 7  ? 7.032   5.671   0.759  1.00 0.80 ? 7  G   A H8     1 
ATOM   230 H H1     . G   A 1 7  ? 9.343   9.238   5.600  1.00 1.30 ? 7  G   A H1     1 
ATOM   231 H H21    . G   A 1 7  ? 9.829   11.326  4.679  1.00 1.50 ? 7  G   A H21    1 
ATOM   232 H H22    . G   A 1 7  ? 9.373   11.511  2.976  1.00 1.41 ? 7  G   A H22    1 
HETATM 233 C C2     . MA6 A 1 8  ? 1.813   11.885  2.838  1.00 0.90 ? 8  MA6 A C2     1 
HETATM 234 C C4     . MA6 A 1 8  ? 3.532   11.825  1.479  1.00 0.90 ? 8  MA6 A C4     1 
HETATM 235 C C5     . MA6 A 1 8  ? 4.382   11.353  2.466  1.00 1.13 ? 8  MA6 A C5     1 
HETATM 236 P P      . MA6 A 1 8  ? 7.292   10.481  -3.996 1.00 1.18 ? 8  MA6 A P      1 
HETATM 237 O OP1    . MA6 A 1 8  ? 6.027   10.340  -4.755 1.00 1.59 ? 8  MA6 A OP1    1 
HETATM 238 O OP2    . MA6 A 1 8  ? 8.560   10.151  -4.699 1.00 1.71 ? 8  MA6 A OP2    1 
HETATM 239 O "O5'"  . MA6 A 1 8  ? 7.415   11.965  -3.348 1.00 1.19 ? 8  MA6 A "O5'"  1 
HETATM 240 C "C5'"  . MA6 A 1 8  ? 6.376   12.951  -3.113 1.00 1.18 ? 8  MA6 A "C5'"  1 
HETATM 241 C "C4'"  . MA6 A 1 8  ? 4.893   12.554  -3.054 1.00 0.90 ? 8  MA6 A "C4'"  1 
HETATM 242 O "O4'"  . MA6 A 1 8  ? 4.594   11.626  -1.969 1.00 0.86 ? 8  MA6 A "O4'"  1 
HETATM 243 C "C1'"  . MA6 A 1 8  ? 3.811   12.303  -0.983 1.00 0.81 ? 8  MA6 A "C1'"  1 
HETATM 244 N N9     . MA6 A 1 8  ? 4.294   11.917  0.341  1.00 0.88 ? 8  MA6 A N9     1 
HETATM 245 N N3     . MA6 A 1 8  ? 2.226   12.117  1.598  1.00 0.81 ? 8  MA6 A N3     1 
HETATM 246 N N1     . MA6 A 1 8  ? 2.508   11.426  3.883  1.00 1.11 ? 8  MA6 A N1     1 
HETATM 247 C C6     . MA6 A 1 8  ? 3.823   11.131  3.748  1.00 1.26 ? 8  MA6 A C6     1 
HETATM 248 N N6     . MA6 A 1 8  ? 4.469   10.653  4.834  1.00 1.56 ? 8  MA6 A N6     1 
HETATM 249 C C9     . MA6 A 1 8  ? 5.892   10.297  4.780  1.00 1.80 ? 8  MA6 A C9     1 
HETATM 250 C C10    . MA6 A 1 8  ? 3.812   10.394  6.128  1.00 1.72 ? 8  MA6 A C10    1 
HETATM 251 N N7     . MA6 A 1 8  ? 5.668   11.185  1.953  1.00 1.25 ? 8  MA6 A N7     1 
HETATM 252 C C8     . MA6 A 1 8  ? 5.563   11.545  0.694  1.00 1.07 ? 8  MA6 A C8     1 
HETATM 253 C "C2'"  . MA6 A 1 8  ? 3.900   13.789  -1.317 1.00 0.99 ? 8  MA6 A "C2'"  1 
HETATM 254 O "O2'"  . MA6 A 1 8  ? 2.851   14.521  -0.685 1.00 1.27 ? 8  MA6 A "O2'"  1 
HETATM 255 C "C3'"  . MA6 A 1 8  ? 3.825   13.651  -2.853 1.00 0.96 ? 8  MA6 A "C3'"  1 
HETATM 256 O "O3'"  . MA6 A 1 8  ? 2.616   13.123  -3.461 1.00 1.09 ? 8  MA6 A "O3'"  1 
HETATM 257 H H2     . MA6 A 1 8  ? 0.766   12.096  3.049  1.00 0.86 ? 8  MA6 A H2     1 
HETATM 258 H "H5'"  . MA6 A 1 8  ? 6.519   13.699  -3.895 1.00 1.63 ? 8  MA6 A "H5'"  1 
HETATM 259 H "H5''" . MA6 A 1 8  ? 6.616   13.463  -2.188 1.00 1.54 ? 8  MA6 A "H5''" 1 
HETATM 260 H "H4'"  . MA6 A 1 8  ? 4.668   12.144  -4.035 1.00 1.04 ? 8  MA6 A "H4'"  1 
HETATM 261 H "H1'"  . MA6 A 1 8  ? 2.786   11.944  -1.094 1.00 0.89 ? 8  MA6 A "H1'"  1 
HETATM 262 H H91    . MA6 A 1 8  ? 6.150   9.946   3.793  1.00 2.00 ? 8  MA6 A H91    1 
HETATM 263 H H92    . MA6 A 1 8  ? 6.133   9.509   5.475  1.00 1.86 ? 8  MA6 A H92    1 
HETATM 264 H H93    . MA6 A 1 8  ? 6.497   11.162  5.012  1.00 2.26 ? 8  MA6 A H93    1 
HETATM 265 H H101   . MA6 A 1 8  ? 4.505   10.097  6.901  1.00 2.15 ? 8  MA6 A H101   1 
HETATM 266 H H102   . MA6 A 1 8  ? 3.091   9.601   5.996  1.00 1.94 ? 8  MA6 A H102   1 
HETATM 267 H H103   . MA6 A 1 8  ? 3.294   11.279  6.471  1.00 1.87 ? 8  MA6 A H103   1 
HETATM 268 H H8     . MA6 A 1 8  ? 6.372   11.574  -0.026 1.00 1.12 ? 8  MA6 A H8     1 
HETATM 269 H "H2'"  . MA6 A 1 8  ? 4.895   14.149  -1.035 1.00 1.14 ? 8  MA6 A "H2'"  1 
HETATM 270 H "HO2'" . MA6 A 1 8  ? 2.326   14.934  -1.381 1.00 1.29 ? 8  MA6 A "HO2'" 1 
HETATM 271 H "H3'"  . MA6 A 1 8  ? 4.074   14.558  -3.407 1.00 1.17 ? 8  MA6 A "H3'"  1 
HETATM 272 C C2     . MA6 A 1 9  ? -0.055  6.889   3.276  1.00 0.76 ? 9  MA6 A C2     1 
HETATM 273 C C4     . MA6 A 1 9  ? 0.402   8.386   1.752  1.00 0.60 ? 9  MA6 A C4     1 
HETATM 274 C C5     . MA6 A 1 9  ? 1.752   8.124   1.798  1.00 0.59 ? 9  MA6 A C5     1 
HETATM 275 P P      . MA6 A 1 9  ? 1.125   13.718  -3.312 1.00 1.33 ? 9  MA6 A P      1 
HETATM 276 O OP1    . MA6 A 1 9  ? 0.432   13.506  -4.602 1.00 1.73 ? 9  MA6 A OP1    1 
HETATM 277 O OP2    . MA6 A 1 9  ? 1.215   15.099  -2.757 1.00 1.93 ? 9  MA6 A OP2    1 
HETATM 278 O "O5'"  . MA6 A 1 9  ? 0.461   12.740  -2.215 1.00 0.86 ? 9  MA6 A "O5'"  1 
HETATM 279 C "C5'"  . MA6 A 1 9  ? 0.084   11.381  -2.515 1.00 0.56 ? 9  MA6 A "C5'"  1 
HETATM 280 C "C4'"  . MA6 A 1 9  ? -1.170  10.906  -1.785 1.00 0.49 ? 9  MA6 A "C4'"  1 
HETATM 281 O "O4'"  . MA6 A 1 9  ? -0.988  9.678   -1.044 1.00 0.45 ? 9  MA6 A "O4'"  1 
HETATM 282 C "C1'"  . MA6 A 1 9  ? -0.944  9.965   0.346  1.00 0.58 ? 9  MA6 A "C1'"  1 
HETATM 283 N N9     . MA6 A 1 9  ? 0.277   9.357   0.806  1.00 0.55 ? 9  MA6 A N9     1 
HETATM 284 N N3     . MA6 A 1 9  ? -0.570  7.808   2.471  1.00 0.69 ? 9  MA6 A N3     1 
HETATM 285 N N1     . MA6 A 1 9  ? 1.224   6.524   3.428  1.00 0.74 ? 9  MA6 A N1     1 
HETATM 286 C C6     . MA6 A 1 9  ? 2.177   7.134   2.685  1.00 0.67 ? 9  MA6 A C6     1 
HETATM 287 N N6     . MA6 A 1 9  ? 3.456   6.773   2.827  1.00 0.73 ? 9  MA6 A N6     1 
HETATM 288 C C9     . MA6 A 1 9  ? 4.539   7.393   2.059  1.00 0.79 ? 9  MA6 A C9     1 
HETATM 289 C C10    . MA6 A 1 9  ? 3.940   5.776   3.801  1.00 0.86 ? 9  MA6 A C10    1 
HETATM 290 N N7     . MA6 A 1 9  ? 2.465   8.925   0.910  1.00 0.59 ? 9  MA6 A N7     1 
HETATM 291 C C8     . MA6 A 1 9  ? 1.526   9.638   0.355  1.00 0.56 ? 9  MA6 A C8     1 
HETATM 292 C "C2'"  . MA6 A 1 9  ? -0.998  11.486  0.494  1.00 0.71 ? 9  MA6 A "C2'"  1 
HETATM 293 O "O2'"  . MA6 A 1 9  ? -1.586  11.841  1.743  1.00 0.91 ? 9  MA6 A "O2'"  1 
HETATM 294 C "C3'"  . MA6 A 1 9  ? -1.887  11.748  -0.718 1.00 0.65 ? 9  MA6 A "C3'"  1 
HETATM 295 O "O3'"  . MA6 A 1 9  ? -3.284  11.469  -0.415 1.00 0.76 ? 9  MA6 A "O3'"  1 
HETATM 296 H H2     . MA6 A 1 9  ? -0.771  6.352   3.901  1.00 0.87 ? 9  MA6 A H2     1 
HETATM 297 H "H5'"  . MA6 A 1 9  ? 0.911   10.709  -2.313 1.00 0.97 ? 9  MA6 A "H5'"  1 
HETATM 298 H "H5''" . MA6 A 1 9  ? -0.125  11.284  -3.580 1.00 1.00 ? 9  MA6 A "H5''" 1 
HETATM 299 H "H4'"  . MA6 A 1 9  ? -1.843  10.782  -2.625 1.00 0.47 ? 9  MA6 A "H4'"  1 
HETATM 300 H "H1'"  . MA6 A 1 9  ? -1.778  9.472   0.830  1.00 0.67 ? 9  MA6 A "H1'"  1 
HETATM 301 H H91    . MA6 A 1 9  ? 4.240   8.298   1.554  1.00 1.34 ? 9  MA6 A H91    1 
HETATM 302 H H92    . MA6 A 1 9  ? 4.872   6.693   1.312  1.00 1.28 ? 9  MA6 A H92    1 
HETATM 303 H H93    . MA6 A 1 9  ? 5.342   7.652   2.729  1.00 1.25 ? 9  MA6 A H93    1 
HETATM 304 H H101   . MA6 A 1 9  ? 4.873   5.330   3.489  1.00 1.12 ? 9  MA6 A H101   1 
HETATM 305 H H102   . MA6 A 1 9  ? 3.228   4.975   3.923  1.00 1.48 ? 9  MA6 A H102   1 
HETATM 306 H H103   . MA6 A 1 9  ? 4.081   6.252   4.762  1.00 1.42 ? 9  MA6 A H103   1 
HETATM 307 H H8     . MA6 A 1 9  ? 1.644   10.400  -0.390 1.00 0.60 ? 9  MA6 A H8     1 
HETATM 308 H "H2'"  . MA6 A 1 9  ? -0.014  11.935  0.320  1.00 0.72 ? 9  MA6 A "H2'"  1 
HETATM 309 H "HO2'" . MA6 A 1 9  ? -2.500  12.057  1.556  1.00 1.02 ? 9  MA6 A "HO2'" 1 
HETATM 310 H "H3'"  . MA6 A 1 9  ? -1.830  12.757  -1.046 1.00 0.74 ? 9  MA6 A "H3'"  1 
ATOM   311 P P      . G   A 1 10 ? -4.336  10.875  -1.481 1.00 0.90 ? 10 G   A P      1 
ATOM   312 O OP1    . G   A 1 10 ? -4.312  11.727  -2.695 1.00 1.15 ? 10 G   A OP1    1 
ATOM   313 O OP2    . G   A 1 10 ? -5.622  10.684  -0.761 1.00 1.24 ? 10 G   A OP2    1 
ATOM   314 O "O5'"  . G   A 1 10 ? -3.728  9.443   -1.860 1.00 1.04 ? 10 G   A "O5'"  1 
ATOM   315 C "C5'"  . G   A 1 10 ? -4.084  8.752   -3.059 1.00 0.81 ? 10 G   A "C5'"  1 
ATOM   316 C "C4'"  . G   A 1 10 ? -2.913  8.271   -3.928 1.00 0.55 ? 10 G   A "C4'"  1 
ATOM   317 O "O4'"  . G   A 1 10 ? -1.613  8.177   -3.253 1.00 0.43 ? 10 G   A "O4'"  1 
ATOM   318 C "C3'"  . G   A 1 10 ? -3.129  6.834   -4.399 1.00 0.46 ? 10 G   A "C3'"  1 
ATOM   319 O "O3'"  . G   A 1 10 ? -4.161  6.781   -5.401 1.00 0.50 ? 10 G   A "O3'"  1 
ATOM   320 C "C2'"  . G   A 1 10 ? -1.719  6.441   -4.854 1.00 0.39 ? 10 G   A "C2'"  1 
ATOM   321 O "O2'"  . G   A 1 10 ? -1.306  7.039   -6.088 1.00 0.48 ? 10 G   A "O2'"  1 
ATOM   322 C "C1'"  . G   A 1 10 ? -0.940  7.003   -3.665 1.00 0.36 ? 10 G   A "C1'"  1 
ATOM   323 N N9     . G   A 1 10 ? -0.803  6.157   -2.475 1.00 0.36 ? 10 G   A N9     1 
ATOM   324 C C8     . G   A 1 10 ? -1.380  6.318   -1.239 1.00 0.38 ? 10 G   A C8     1 
ATOM   325 N N7     . G   A 1 10 ? -1.028  5.380   -0.395 1.00 0.38 ? 10 G   A N7     1 
ATOM   326 C C5     . G   A 1 10 ? -0.165  4.551   -1.135 1.00 0.36 ? 10 G   A C5     1 
ATOM   327 C C6     . G   A 1 10 ? 0.571   3.368   -0.809 1.00 0.37 ? 10 G   A C6     1 
ATOM   328 O O6     . G   A 1 10 ? 0.651   2.718   0.239  1.00 0.40 ? 10 G   A O6     1 
ATOM   329 N N1     . G   A 1 10 ? 1.326   2.909   -1.874 1.00 0.35 ? 10 G   A N1     1 
ATOM   330 C C2     . G   A 1 10 ? 1.374   3.508   -3.079 1.00 0.34 ? 10 G   A C2     1 
ATOM   331 N N2     . G   A 1 10 ? 2.137   2.988   -3.999 1.00 0.37 ? 10 G   A N2     1 
ATOM   332 N N3     . G   A 1 10 ? 0.736   4.576   -3.444 1.00 0.34 ? 10 G   A N3     1 
ATOM   333 C C4     . G   A 1 10 ? -0.017  5.039   -2.417 1.00 0.35 ? 10 G   A C4     1 
ATOM   334 H "H5'"  . G   A 1 10 ? -4.769  9.343   -3.672 1.00 1.43 ? 10 G   A "H5'"  1 
ATOM   335 H "H5''" . G   A 1 10 ? -4.663  7.889   -2.745 1.00 1.39 ? 10 G   A "H5''" 1 
ATOM   336 H "H4'"  . G   A 1 10 ? -2.908  8.891   -4.834 1.00 0.67 ? 10 G   A "H4'"  1 
ATOM   337 H "H3'"  . G   A 1 10 ? -3.419  6.205   -3.555 1.00 0.47 ? 10 G   A "H3'"  1 
ATOM   338 H "H2'"  . G   A 1 10 ? -1.615  5.363   -4.839 1.00 0.41 ? 10 G   A "H2'"  1 
ATOM   339 H "HO2'" . G   A 1 10 ? -2.057  7.047   -6.687 1.00 0.93 ? 10 G   A "HO2'" 1 
ATOM   340 H "H1'"  . G   A 1 10 ? 0.096   7.171   -3.965 1.00 0.34 ? 10 G   A "H1'"  1 
ATOM   341 H H8     . G   A 1 10 ? -2.033  7.174   -1.051 1.00 0.42 ? 10 G   A H8     1 
ATOM   342 H H1     . G   A 1 10 ? 1.858   2.061   -1.705 1.00 0.35 ? 10 G   A H1     1 
ATOM   343 H H21    . G   A 1 10 ? 2.643   2.126   -3.839 1.00 0.38 ? 10 G   A H21    1 
ATOM   344 H H22    . G   A 1 10 ? 2.125   3.490   -4.863 1.00 0.37 ? 10 G   A H22    1 
ATOM   345 P P      . G   A 1 11 ? -5.252  5.595   -5.485 1.00 0.51 ? 11 G   A P      1 
ATOM   346 O OP1    . G   A 1 11 ? -6.191  5.878   -6.597 1.00 0.51 ? 11 G   A OP1    1 
ATOM   347 O OP2    . G   A 1 11 ? -5.794  5.331   -4.128 1.00 0.58 ? 11 G   A OP2    1 
ATOM   348 O "O5'"  . G   A 1 11 ? -4.320  4.377   -5.931 1.00 0.50 ? 11 G   A "O5'"  1 
ATOM   349 C "C5'"  . G   A 1 11 ? -3.767  4.304   -7.252 1.00 0.50 ? 11 G   A "C5'"  1 
ATOM   350 C "C4'"  . G   A 1 11 ? -2.755  3.188   -7.355 1.00 0.51 ? 11 G   A "C4'"  1 
ATOM   351 O "O4'"  . G   A 1 11 ? -1.623  3.428   -6.458 1.00 0.45 ? 11 G   A "O4'"  1 
ATOM   352 C "C3'"  . G   A 1 11 ? -3.186  1.785   -6.929 1.00 0.56 ? 11 G   A "C3'"  1 
ATOM   353 O "O3'"  . G   A 1 11 ? -4.185  1.168   -7.757 1.00 0.66 ? 11 G   A "O3'"  1 
ATOM   354 C "C2'"  . G   A 1 11 ? -1.805  1.114   -6.925 1.00 0.50 ? 11 G   A "C2'"  1 
ATOM   355 O "O2'"  . G   A 1 11 ? -1.133  1.004   -8.198 1.00 0.53 ? 11 G   A "O2'"  1 
ATOM   356 C "C1'"  . G   A 1 11 ? -1.109  2.168   -6.058 1.00 0.44 ? 11 G   A "C1'"  1 
ATOM   357 N N9     . G   A 1 11 ? -1.250  1.975   -4.608 1.00 0.43 ? 11 G   A N9     1 
ATOM   358 C C8     . G   A 1 11 ? -1.930  2.728   -3.678 1.00 0.44 ? 11 G   A C8     1 
ATOM   359 N N7     . G   A 1 11 ? -1.902  2.193   -2.491 1.00 0.43 ? 11 G   A N7     1 
ATOM   360 C C5     . G   A 1 11 ? -1.109  1.049   -2.623 1.00 0.43 ? 11 G   A C5     1 
ATOM   361 C C6     . G   A 1 11 ? -0.697  0.045   -1.694 1.00 0.44 ? 11 G   A C6     1 
ATOM   362 O O6     . G   A 1 11 ? -0.924  -0.107  -0.494 1.00 0.46 ? 11 G   A O6     1 
ATOM   363 N N1     . G   A 1 11 ? 0.081   -0.921  -2.288 1.00 0.44 ? 11 G   A N1     1 
ATOM   364 C C2     . G   A 1 11 ? 0.429   -0.906  -3.585 1.00 0.43 ? 11 G   A C2     1 
ATOM   365 N N2     . G   A 1 11 ? 1.198   -1.874  -3.985 1.00 0.43 ? 11 G   A N2     1 
ATOM   366 N N3     . G   A 1 11 ? 0.088   -0.035  -4.487 1.00 0.43 ? 11 G   A N3     1 
ATOM   367 C C4     . G   A 1 11 ? -0.693  0.919   -3.929 1.00 0.43 ? 11 G   A C4     1 
ATOM   368 H "H5'"  . G   A 1 11 ? -3.279  5.243   -7.518 1.00 0.48 ? 11 G   A "H5'"  1 
ATOM   369 H "H5''" . G   A 1 11 ? -4.551  4.114   -7.983 1.00 0.54 ? 11 G   A "H5''" 1 
ATOM   370 H "H4'"  . G   A 1 11 ? -2.455  3.139   -8.405 1.00 0.53 ? 11 G   A "H4'"  1 
ATOM   371 H "H3'"  . G   A 1 11 ? -3.587  1.839   -5.913 1.00 0.58 ? 11 G   A "H3'"  1 
ATOM   372 H "H2'"  . G   A 1 11 ? -1.876  0.169   -6.388 1.00 0.48 ? 11 G   A "H2'"  1 
ATOM   373 H "HO2'" . G   A 1 11 ? -0.345  0.469   -8.067 1.00 0.48 ? 11 G   A "HO2'" 1 
ATOM   374 H "H1'"  . G   A 1 11 ? -0.051  2.117   -6.237 1.00 0.43 ? 11 G   A "H1'"  1 
ATOM   375 H H8     . G   A 1 11 ? -2.377  3.693   -3.886 1.00 0.46 ? 11 G   A H8     1 
ATOM   376 H H1     . G   A 1 11 ? 0.400   -1.684  -1.703 1.00 0.44 ? 11 G   A H1     1 
ATOM   377 H H21    . G   A 1 11 ? 1.456   -2.633  -3.368 1.00 0.42 ? 11 G   A H21    1 
ATOM   378 H H22    . G   A 1 11 ? 1.447   -1.838  -4.954 1.00 0.43 ? 11 G   A H22    1 
ATOM   379 P P      . U   A 1 12 ? -5.156  0.023   -7.152 1.00 0.74 ? 12 U   A P      1 
ATOM   380 O OP1    . U   A 1 12 ? -6.157  -0.377  -8.169 1.00 0.91 ? 12 U   A OP1    1 
ATOM   381 O OP2    . U   A 1 12 ? -5.611  0.424   -5.794 1.00 0.83 ? 12 U   A OP2    1 
ATOM   382 O "O5'"  . U   A 1 12 ? -4.117  -1.189  -6.985 1.00 0.56 ? 12 U   A "O5'"  1 
ATOM   383 C "C5'"  . U   A 1 12 ? -3.339  -1.750  -8.054 1.00 0.51 ? 12 U   A "C5'"  1 
ATOM   384 C "C4'"  . U   A 1 12 ? -2.450  -2.868  -7.522 1.00 0.37 ? 12 U   A "C4'"  1 
ATOM   385 O "O4'"  . U   A 1 12 ? -1.556  -2.414  -6.454 1.00 0.37 ? 12 U   A "O4'"  1 
ATOM   386 C "C3'"  . U   A 1 12 ? -3.233  -3.987  -6.847 1.00 0.28 ? 12 U   A "C3'"  1 
ATOM   387 O "O3'"  . U   A 1 12 ? -3.880  -4.831  -7.800 1.00 0.34 ? 12 U   A "O3'"  1 
ATOM   388 C "C2'"  . U   A 1 12 ? -2.171  -4.672  -5.997 1.00 0.25 ? 12 U   A "C2'"  1 
ATOM   389 O "O2'"  . U   A 1 12 ? -1.212  -5.453  -6.709 1.00 0.30 ? 12 U   A "O2'"  1 
ATOM   390 C "C1'"  . U   A 1 12 ? -1.490  -3.420  -5.439 1.00 0.32 ? 12 U   A "C1'"  1 
ATOM   391 N N1     . U   A 1 12 ? -2.036  -2.939  -4.131 1.00 0.32 ? 12 U   A N1     1 
ATOM   392 C C2     . U   A 1 12 ? -1.904  -3.772  -3.022 1.00 0.30 ? 12 U   A C2     1 
ATOM   393 O O2     . U   A 1 12 ? -1.370  -4.870  -3.025 1.00 0.29 ? 12 U   A O2     1 
ATOM   394 N N3     . U   A 1 12 ? -2.420  -3.280  -1.875 1.00 0.30 ? 12 U   A N3     1 
ATOM   395 C C4     . U   A 1 12 ? -3.054  -2.100  -1.669 1.00 0.33 ? 12 U   A C4     1 
ATOM   396 O O4     . U   A 1 12 ? -3.506  -1.896  -0.546 1.00 0.36 ? 12 U   A O4     1 
ATOM   397 C C5     . U   A 1 12 ? -3.156  -1.271  -2.830 1.00 0.35 ? 12 U   A C5     1 
ATOM   398 C C6     . U   A 1 12 ? -2.644  -1.701  -3.990 1.00 0.35 ? 12 U   A C6     1 
ATOM   399 H "H5'"  . U   A 1 12 ? -2.718  -0.996  -8.532 1.00 0.54 ? 12 U   A "H5'"  1 
ATOM   400 H "H5''" . U   A 1 12 ? -3.997  -2.169  -8.817 1.00 0.58 ? 12 U   A "H5''" 1 
ATOM   401 H "H4'"  . U   A 1 12 ? -1.939  -3.319  -8.374 1.00 0.39 ? 12 U   A "H4'"  1 
ATOM   402 H "H3'"  . U   A 1 12 ? -3.993  -3.577  -6.184 1.00 0.38 ? 12 U   A "H3'"  1 
ATOM   403 H "H2'"  . U   A 1 12 ? -2.697  -5.215  -5.200 1.00 0.22 ? 12 U   A "H2'"  1 
ATOM   404 H "HO2'" . U   A 1 12 ? -1.551  -5.617  -7.593 1.00 0.85 ? 12 U   A "HO2'" 1 
ATOM   405 H "H1'"  . U   A 1 12 ? -0.425  -3.621  -5.290 1.00 0.34 ? 12 U   A "H1'"  1 
ATOM   406 H H3     . U   A 1 12 ? -2.319  -3.881  -1.066 1.00 0.30 ? 12 U   A H3     1 
ATOM   407 H H5     . U   A 1 12 ? -3.616  -0.282  -2.763 1.00 0.37 ? 12 U   A H5     1 
ATOM   408 H H6     . U   A 1 12 ? -2.642  -1.010  -4.844 1.00 0.38 ? 12 U   A H6     1 
ATOM   409 P P      . C   A 1 13 ? -5.324  -5.454  -7.498 1.00 0.57 ? 13 C   A P      1 
ATOM   410 O OP1    . C   A 1 13 ? -5.773  -6.257  -8.660 1.00 0.83 ? 13 C   A OP1    1 
ATOM   411 O OP2    . C   A 1 13 ? -6.187  -4.365  -6.972 1.00 0.72 ? 13 C   A OP2    1 
ATOM   412 O "O5'"  . C   A 1 13 ? -4.941  -6.453  -6.297 1.00 0.44 ? 13 C   A "O5'"  1 
ATOM   413 C "C5'"  . C   A 1 13 ? -3.994  -7.541  -6.424 1.00 0.47 ? 13 C   A "C5'"  1 
ATOM   414 C "C4'"  . C   A 1 13 ? -3.944  -8.374  -5.153 1.00 0.40 ? 13 C   A "C4'"  1 
ATOM   415 O "O4'"  . C   A 1 13 ? -3.556  -7.550  -4.012 1.00 0.32 ? 13 C   A "O4'"  1 
ATOM   416 C "C3'"  . C   A 1 13 ? -5.322  -8.899  -4.791 1.00 0.42 ? 13 C   A "C3'"  1 
ATOM   417 O "O3'"  . C   A 1 13 ? -5.627  -10.065 -5.576 1.00 0.50 ? 13 C   A "O3'"  1 
ATOM   418 C "C2'"  . C   A 1 13 ? -5.215  -9.062  -3.277 1.00 0.39 ? 13 C   A "C2'"  1 
ATOM   419 O "O2'"  . C   A 1 13 ? -4.908  -10.345 -2.755 1.00 0.44 ? 13 C   A "O2'"  1 
ATOM   420 C "C1'"  . C   A 1 13 ? -4.177  -8.059  -2.831 1.00 0.31 ? 13 C   A "C1'"  1 
ATOM   421 N N1     . C   A 1 13 ? -4.657  -6.963  -1.937 1.00 0.30 ? 13 C   A N1     1 
ATOM   422 C C2     . C   A 1 13 ? -4.631  -7.101  -0.531 1.00 0.31 ? 13 C   A C2     1 
ATOM   423 O O2     . C   A 1 13 ? -4.303  -8.167  0.014  1.00 0.32 ? 13 C   A O2     1 
ATOM   424 N N3     . C   A 1 13 ? -4.975  -6.075  0.255  1.00 0.34 ? 13 C   A N3     1 
ATOM   425 C C4     . C   A 1 13 ? -5.347  -4.954  -0.316 1.00 0.37 ? 13 C   A C4     1 
ATOM   426 N N4     . C   A 1 13 ? -5.634  -3.995  0.511  1.00 0.42 ? 13 C   A N4     1 
ATOM   427 C C5     . C   A 1 13 ? -5.438  -4.754  -1.711 1.00 0.35 ? 13 C   A C5     1 
ATOM   428 C C6     . C   A 1 13 ? -5.101  -5.794  -2.486 1.00 0.31 ? 13 C   A C6     1 
ATOM   429 H "H5'"  . C   A 1 13 ? -2.994  -7.191  -6.653 1.00 0.47 ? 13 C   A "H5'"  1 
ATOM   430 H "H5''" . C   A 1 13 ? -4.301  -8.205  -7.231 1.00 0.61 ? 13 C   A "H5''" 1 
ATOM   431 H "H4'"  . C   A 1 13 ? -3.307  -9.246  -5.330 1.00 0.46 ? 13 C   A "H4'"  1 
ATOM   432 H "H3'"  . C   A 1 13 ? -6.099  -8.158  -4.973 1.00 0.43 ? 13 C   A "H3'"  1 
ATOM   433 H "H2'"  . C   A 1 13 ? -6.116  -8.629  -2.903 1.00 0.41 ? 13 C   A "H2'"  1 
ATOM   434 H "HO2'" . C   A 1 13 ? -5.659  -10.592 -2.184 1.00 0.47 ? 13 C   A "HO2'" 1 
ATOM   435 H "H1'"  . C   A 1 13 ? -3.487  -8.658  -2.253 1.00 0.33 ? 13 C   A "H1'"  1 
ATOM   436 H H41    . C   A 1 13 ? -5.569  -4.302  1.488  1.00 0.44 ? 13 C   A H41    1 
ATOM   437 H H42    . C   A 1 13 ? -5.923  -3.080  0.227  1.00 0.46 ? 13 C   A H42    1 
ATOM   438 H H5     . C   A 1 13 ? -5.764  -3.799  -2.112 1.00 0.38 ? 13 C   A H5     1 
ATOM   439 H H6     . C   A 1 13 ? -5.187  -5.782  -3.576 1.00 0.31 ? 13 C   A H6     1 
ATOM   440 P P      . C   A 1 14 ? -7.115  -10.407 -6.072 1.00 0.67 ? 14 C   A P      1 
ATOM   441 O OP1    . C   A 1 14 ? -7.102  -11.689 -6.819 1.00 0.74 ? 14 C   A OP1    1 
ATOM   442 O OP2    . C   A 1 14 ? -7.699  -9.192  -6.698 1.00 0.75 ? 14 C   A OP2    1 
ATOM   443 O "O5'"  . C   A 1 14 ? -7.786  -10.638 -4.623 1.00 0.75 ? 14 C   A "O5'"  1 
ATOM   444 C "C5'"  . C   A 1 14 ? -7.574  -11.832 -3.839 1.00 0.81 ? 14 C   A "C5'"  1 
ATOM   445 C "C4'"  . C   A 1 14 ? -7.989  -11.683 -2.378 1.00 0.87 ? 14 C   A "C4'"  1 
ATOM   446 O "O4'"  . C   A 1 14 ? -7.132  -10.791 -1.584 1.00 0.70 ? 14 C   A "O4'"  1 
ATOM   447 C "C3'"  . C   A 1 14 ? -9.369  -11.133 -2.079 1.00 0.99 ? 14 C   A "C3'"  1 
ATOM   448 O "O3'"  . C   A 1 14 ? -10.440 -12.005 -2.452 1.00 1.21 ? 14 C   A "O3'"  1 
ATOM   449 C "C2'"  . C   A 1 14 ? -9.274  -10.912 -0.565 1.00 0.96 ? 14 C   A "C2'"  1 
ATOM   450 O "O2'"  . C   A 1 14 ? -9.580  -12.025 0.273  1.00 1.10 ? 14 C   A "O2'"  1 
ATOM   451 C "C1'"  . C   A 1 14 ? -7.818  -10.452 -0.372 1.00 0.76 ? 14 C   A "C1'"  1 
ATOM   452 N N1     . C   A 1 14 ? -7.839  -9.020  0.054  1.00 0.66 ? 14 C   A N1     1 
ATOM   453 C C2     . C   A 1 14 ? -7.874  -8.667  1.417  1.00 0.63 ? 14 C   A C2     1 
ATOM   454 O O2     . C   A 1 14 ? -7.797  -9.541  2.288  1.00 0.65 ? 14 C   A O2     1 
ATOM   455 N N3     . C   A 1 14 ? -8.004  -7.380  1.778  1.00 0.62 ? 14 C   A N3     1 
ATOM   456 C C4     . C   A 1 14 ? -8.105  -6.475  0.831  1.00 0.63 ? 14 C   A C4     1 
ATOM   457 N N4     . C   A 1 14 ? -8.272  -5.258  1.250  1.00 0.67 ? 14 C   A N4     1 
ATOM   458 C C5     . C   A 1 14 ? -8.051  -6.751  -0.554 1.00 0.63 ? 14 C   A C5     1 
ATOM   459 C C6     . C   A 1 14 ? -7.894  -8.038  -0.886 1.00 0.64 ? 14 C   A C6     1 
ATOM   460 H "H5'"  . C   A 1 14 ? -6.530  -12.157 -3.882 1.00 0.75 ? 14 C   A "H5'"  1 
ATOM   461 H "H5''" . C   A 1 14 ? -8.180  -12.635 -4.259 1.00 0.90 ? 14 C   A "H5''" 1 
ATOM   462 H "H4'"  . C   A 1 14 ? -7.993  -12.698 -1.971 1.00 0.97 ? 14 C   A "H4'"  1 
ATOM   463 H "H3'"  . C   A 1 14 ? -9.534  -10.190 -2.604 1.00 0.96 ? 14 C   A "H3'"  1 
ATOM   464 H "HO3'" . C   A 1 14 ? -10.612 -12.505 -1.642 1.00 1.57 ? 14 C   A "HO3'" 1 
ATOM   465 H "H2'"  . C   A 1 14 ? -9.918  -10.041 -0.423 1.00 0.99 ? 14 C   A "H2'"  1 
ATOM   466 H "HO2'" . C   A 1 14 ? -9.440  -11.758 1.189  1.00 1.54 ? 14 C   A "HO2'" 1 
ATOM   467 H "H1'"  . C   A 1 14 ? -7.314  -11.056 0.395  1.00 0.78 ? 14 C   A "H1'"  1 
ATOM   468 H H41    . C   A 1 14 ? -8.302  -5.130  2.268  1.00 0.70 ? 14 C   A H41    1 
ATOM   469 H H42    . C   A 1 14 ? -8.363  -4.501  0.605  1.00 0.69 ? 14 C   A H42    1 
ATOM   470 H H5     . C   A 1 14 ? -8.145  -5.954  -1.288 1.00 0.64 ? 14 C   A H5     1 
ATOM   471 H H6     . C   A 1 14 ? -7.790  -8.374  -1.907 1.00 0.67 ? 14 C   A H6     1 
# 
